data_6JCI
#
_entry.id   6JCI
#
_cell.length_a   53.570
_cell.length_b   104.840
_cell.length_c   137.980
_cell.angle_alpha   90.00
_cell.angle_beta   90.00
_cell.angle_gamma   90.00
#
_symmetry.space_group_name_H-M   'P 21 21 21'
#
loop_
_entity.id
_entity.type
_entity.pdbx_description
1 polymer 'Prolyl endopeptidase'
2 non-polymer GLYCEROL
3 non-polymer 1-[4-oxidanyl-2-(1,3-thiazolidin-3-ylcarbonyl)pyrrolidin-1-yl]-4-[2-[(~{E})-2-phenylethenyl]phenoxy]butan-1-one
4 water water
#
_entity_poly.entity_id   1
_entity_poly.type   'polypeptide(L)'
_entity_poly.pdbx_seq_one_letter_code
;MGSSHHHHHHSSGLVPRGSHMASMTGGQQMGRGSEFMGKFTYPNARRDELVEDYHGTKVTEYYRWLEDPDSEETKAFVEA
QNELSKPFLDACPIREKLSSRITEVWDYPKYSCPGRHGEYFYYYHNTGLQNQSVLYAQKGLGADPSVFLDPNSLSEDGTV
SLRGTAFSENDQFFAYGLSKSGSDWVTIKFKKAPSGEDLPDTLERVKFSSMAWTHDHKGLFYNRYLEQQGKSDGTETTMN
VDQKLFYHRLGTDQSEDVLVAEFPEHPRWMIGAEVSDCGRYLVMTIHEGCDPVNRLYYVDLKSMQNEIRGVLSYVKIVDN
FDAEYEYITNDGSKFTFKTNLNASRYKLINIDFADPDQSNWQTLVDEDEKSVLEWAACVNKDKLILCYLKDVKNELYVHG
LSSGSRMSQLPLEVGSVVGYSGKKKYDEIFYQFTSFLTPGIIYRCDMTTDTYTPKTFREIKVKDFDTSQFETEQVFFPSK
DGTKIPMFIVHRKGLVHDGSHPVMLYGYGGFNISITPSFSPSRLVFLQHLGGVYAIANIRGGGEYGESWHKAGNCANKQN
VFDDFQSAAQYLIENKWTSAKRITINGGSNGGLLVGACINQRPDLFGCAVAQVGVLDMLRFHKFTIGHAWTTDYGSSDST
DDFKVLIKYSPLHNIREQKDQYPALLLLTGDHDDRVVPLHSLKFLAQIQYTFKDSDSQTNPLMGRIDTKSGHGFGKPTAK
VIEELTDIYSFMHQTVGLKWSDCGRTRAPPPPPLRSGC
;
_entity_poly.pdbx_strand_id   A
#
loop_
_chem_comp.id
_chem_comp.type
_chem_comp.name
_chem_comp.formula
BKO non-polymer 1-[4-oxidanyl-2-(1,3-thiazolidin-3-ylcarbonyl)pyrrolidin-1-yl]-4-[2-[(~{E})-2-phenylethenyl]phenoxy]butan-1-one 'C26 H30 N2 O4 S'
GOL non-polymer GLYCEROL 'C3 H8 O3'
#
# COMPACT_ATOMS: atom_id res chain seq x y z
N LYS A 39 27.52 -24.54 2.98
CA LYS A 39 27.57 -25.43 1.83
C LYS A 39 26.91 -24.80 0.61
N PHE A 40 26.69 -23.49 0.67
CA PHE A 40 26.17 -22.74 -0.44
C PHE A 40 27.29 -21.95 -1.10
N THR A 41 27.33 -21.97 -2.43
CA THR A 41 28.28 -21.17 -3.19
C THR A 41 27.54 -19.98 -3.78
N TYR A 42 27.94 -18.80 -3.39
CA TYR A 42 27.21 -17.63 -3.80
C TYR A 42 27.83 -17.01 -5.05
N PRO A 43 27.04 -16.30 -5.85
CA PRO A 43 27.57 -15.72 -7.09
C PRO A 43 28.73 -14.78 -6.83
N ASN A 44 29.63 -14.73 -7.79
CA ASN A 44 30.67 -13.70 -7.77
C ASN A 44 30.02 -12.32 -7.85
N ALA A 45 30.64 -11.36 -7.18
CA ALA A 45 30.19 -9.98 -7.26
C ALA A 45 31.44 -9.12 -7.03
N ARG A 46 31.86 -8.42 -8.08
CA ARG A 46 33.04 -7.57 -7.99
C ARG A 46 32.87 -6.54 -6.88
N ARG A 47 33.96 -6.34 -6.12
CA ARG A 47 33.98 -5.36 -5.04
C ARG A 47 34.78 -4.15 -5.51
N ASP A 48 34.12 -3.01 -5.61
CA ASP A 48 34.68 -1.78 -6.17
C ASP A 48 34.65 -0.74 -5.04
N GLU A 49 35.80 -0.54 -4.40
CA GLU A 49 35.83 0.30 -3.21
C GLU A 49 35.48 1.74 -3.57
N LEU A 50 34.42 2.25 -2.93
CA LEU A 50 33.96 3.62 -3.14
C LEU A 50 33.77 4.23 -1.77
N VAL A 51 34.59 5.22 -1.43
CA VAL A 51 34.54 5.90 -0.14
C VAL A 51 33.86 7.24 -0.32
N GLU A 52 32.85 7.51 0.50
CA GLU A 52 32.18 8.80 0.51
C GLU A 52 32.15 9.33 1.93
N ASP A 53 32.22 10.66 2.04
CA ASP A 53 32.18 11.34 3.32
C ASP A 53 30.76 11.80 3.61
N TYR A 54 30.23 11.40 4.76
CA TYR A 54 28.94 11.88 5.25
C TYR A 54 29.22 12.69 6.49
N HIS A 55 29.30 14.01 6.33
CA HIS A 55 29.44 14.95 7.46
C HIS A 55 30.65 14.59 8.33
N GLY A 56 31.74 14.19 7.71
CA GLY A 56 32.95 13.81 8.40
C GLY A 56 33.11 12.32 8.63
N THR A 57 32.05 11.53 8.44
CA THR A 57 32.10 10.09 8.65
C THR A 57 32.35 9.41 7.30
N LYS A 58 33.44 8.65 7.21
CA LYS A 58 33.72 7.90 5.99
C LYS A 58 32.83 6.66 5.95
N VAL A 59 32.12 6.48 4.84
CA VAL A 59 31.31 5.30 4.61
C VAL A 59 31.75 4.69 3.29
N THR A 60 32.14 3.41 3.34
CA THR A 60 32.65 2.72 2.17
C THR A 60 31.59 1.74 1.68
N GLU A 61 31.37 1.71 0.38
CA GLU A 61 30.55 0.68 -0.21
C GLU A 61 31.27 0.07 -1.41
N TYR A 62 30.85 -1.13 -1.77
CA TYR A 62 31.58 -1.95 -2.72
C TYR A 62 30.76 -2.37 -3.93
N TYR A 63 29.45 -2.14 -3.93
CA TYR A 63 28.58 -2.64 -4.99
C TYR A 63 27.74 -1.54 -5.61
N ARG A 64 28.23 -0.30 -5.64
CA ARG A 64 27.43 0.75 -6.26
C ARG A 64 27.16 0.47 -7.74
N TRP A 65 28.02 -0.32 -8.39
CA TRP A 65 27.76 -0.70 -9.77
C TRP A 65 26.43 -1.43 -9.94
N LEU A 66 25.90 -2.03 -8.87
CA LEU A 66 24.60 -2.69 -8.95
C LEU A 66 23.44 -1.69 -9.04
N GLU A 67 23.71 -0.40 -8.87
CA GLU A 67 22.69 0.62 -9.06
C GLU A 67 22.38 0.88 -10.53
N ASP A 68 23.19 0.36 -11.45
CA ASP A 68 22.91 0.47 -12.86
C ASP A 68 22.19 -0.80 -13.30
N PRO A 69 20.88 -0.74 -13.55
CA PRO A 69 20.16 -1.97 -13.91
C PRO A 69 20.46 -2.48 -15.32
N ASP A 70 21.07 -1.66 -16.17
CA ASP A 70 21.20 -1.97 -17.58
C ASP A 70 22.54 -2.60 -17.94
N SER A 71 23.51 -2.58 -17.04
CA SER A 71 24.84 -3.08 -17.38
C SER A 71 24.83 -4.61 -17.44
N GLU A 72 25.71 -5.15 -18.27
CA GLU A 72 25.87 -6.60 -18.32
C GLU A 72 26.29 -7.16 -16.98
N GLU A 73 27.09 -6.42 -16.21
CA GLU A 73 27.56 -6.92 -14.93
C GLU A 73 26.40 -7.06 -13.95
N THR A 74 25.51 -6.07 -13.89
CA THR A 74 24.34 -6.19 -13.02
C THR A 74 23.41 -7.30 -13.49
N LYS A 75 23.17 -7.39 -14.80
CA LYS A 75 22.30 -8.44 -15.31
C LYS A 75 22.85 -9.82 -15.01
N ALA A 76 24.17 -9.99 -15.12
CA ALA A 76 24.77 -11.27 -14.78
C ALA A 76 24.59 -11.60 -13.30
N PHE A 77 24.71 -10.60 -12.43
CA PHE A 77 24.50 -10.81 -10.99
C PHE A 77 23.07 -11.24 -10.72
N VAL A 78 22.09 -10.55 -11.32
CA VAL A 78 20.69 -10.91 -11.14
C VAL A 78 20.45 -12.34 -11.60
N GLU A 79 20.94 -12.68 -12.79
CA GLU A 79 20.75 -14.03 -13.32
C GLU A 79 21.39 -15.07 -12.41
N ALA A 80 22.59 -14.79 -11.90
CA ALA A 80 23.26 -15.75 -11.02
C ALA A 80 22.50 -15.95 -9.71
N GLN A 81 21.92 -14.88 -9.16
CA GLN A 81 21.13 -15.03 -7.94
C GLN A 81 19.89 -15.86 -8.20
N ASN A 82 19.23 -15.67 -9.34
CA ASN A 82 18.06 -16.48 -9.67
C ASN A 82 18.46 -17.93 -9.92
N GLU A 83 19.62 -18.16 -10.55
CA GLU A 83 20.07 -19.52 -10.79
C GLU A 83 20.45 -20.25 -9.52
N LEU A 84 20.66 -19.53 -8.42
CA LEU A 84 20.89 -20.13 -7.11
C LEU A 84 19.59 -20.35 -6.35
N SER A 85 18.72 -19.33 -6.32
CA SER A 85 17.51 -19.43 -5.51
C SER A 85 16.46 -20.32 -6.16
N LYS A 86 16.28 -20.23 -7.48
CA LYS A 86 15.22 -20.99 -8.13
C LYS A 86 15.35 -22.49 -7.93
N PRO A 87 16.50 -23.12 -8.17
CA PRO A 87 16.61 -24.56 -7.88
C PRO A 87 16.41 -24.91 -6.42
N PHE A 88 16.82 -24.03 -5.50
CA PHE A 88 16.60 -24.27 -4.08
C PHE A 88 15.11 -24.27 -3.76
N LEU A 89 14.38 -23.28 -4.28
CA LEU A 89 12.95 -23.21 -4.05
C LEU A 89 12.21 -24.34 -4.76
N ASP A 90 12.62 -24.66 -5.99
CA ASP A 90 11.98 -25.74 -6.73
C ASP A 90 12.26 -27.10 -6.14
N ALA A 91 13.30 -27.23 -5.31
CA ALA A 91 13.66 -28.49 -4.69
C ALA A 91 12.81 -28.82 -3.47
N CYS A 92 11.94 -27.92 -3.04
CA CYS A 92 11.07 -28.21 -1.91
C CYS A 92 10.16 -29.39 -2.26
N PRO A 93 10.20 -30.48 -1.48
CA PRO A 93 9.45 -31.69 -1.88
C PRO A 93 7.95 -31.56 -1.75
N ILE A 94 7.43 -30.49 -1.16
CA ILE A 94 5.99 -30.27 -1.06
C ILE A 94 5.52 -29.10 -1.92
N ARG A 95 6.39 -28.60 -2.79
CA ARG A 95 6.07 -27.39 -3.55
C ARG A 95 4.81 -27.57 -4.39
N GLU A 96 4.66 -28.73 -5.03
CA GLU A 96 3.50 -28.98 -5.88
C GLU A 96 2.21 -29.00 -5.07
N LYS A 97 2.19 -29.74 -3.96
CA LYS A 97 1.02 -29.75 -3.09
C LYS A 97 0.73 -28.36 -2.56
N LEU A 98 1.78 -27.63 -2.18
CA LEU A 98 1.63 -26.28 -1.65
C LEU A 98 1.01 -25.35 -2.68
N SER A 99 1.55 -25.36 -3.90
CA SER A 99 0.99 -24.52 -4.96
C SER A 99 -0.43 -24.94 -5.29
N SER A 100 -0.69 -26.25 -5.36
CA SER A 100 -2.04 -26.72 -5.64
C SER A 100 -3.03 -26.25 -4.57
N ARG A 101 -2.63 -26.34 -3.30
CA ARG A 101 -3.54 -25.97 -2.21
C ARG A 101 -3.78 -24.46 -2.17
N ILE A 102 -2.73 -23.66 -2.35
CA ILE A 102 -2.93 -22.21 -2.42
C ILE A 102 -3.88 -21.86 -3.56
N THR A 103 -3.69 -22.48 -4.72
CA THR A 103 -4.57 -22.22 -5.86
C THR A 103 -6.01 -22.63 -5.56
N GLU A 104 -6.19 -23.82 -4.97
CA GLU A 104 -7.54 -24.29 -4.68
C GLU A 104 -8.26 -23.37 -3.69
N VAL A 105 -7.57 -22.99 -2.61
CA VAL A 105 -8.17 -22.09 -1.63
C VAL A 105 -8.49 -20.74 -2.28
N TRP A 106 -7.59 -20.25 -3.11
CA TRP A 106 -7.76 -18.98 -3.82
C TRP A 106 -8.91 -19.02 -4.82
N ASP A 107 -9.31 -20.21 -5.27
CA ASP A 107 -10.24 -20.36 -6.40
C ASP A 107 -11.67 -20.22 -5.92
N TYR A 108 -12.12 -18.97 -5.77
CA TYR A 108 -13.51 -18.64 -5.48
C TYR A 108 -13.85 -17.35 -6.18
N PRO A 109 -15.10 -17.17 -6.63
CA PRO A 109 -15.46 -15.93 -7.32
C PRO A 109 -15.34 -14.72 -6.39
N LYS A 110 -14.83 -13.63 -6.93
CA LYS A 110 -14.59 -12.41 -6.17
C LYS A 110 -15.33 -11.25 -6.82
N TYR A 111 -15.81 -10.33 -5.97
CA TYR A 111 -16.60 -9.20 -6.41
C TYR A 111 -16.19 -7.96 -5.61
N SER A 112 -16.20 -6.81 -6.27
CA SER A 112 -16.17 -5.54 -5.57
C SER A 112 -17.60 -5.08 -5.28
N CYS A 113 -17.72 -4.03 -4.48
CA CYS A 113 -19.01 -3.39 -4.31
C CYS A 113 -19.51 -2.89 -5.67
N PRO A 114 -20.82 -2.98 -5.92
CA PRO A 114 -21.35 -2.34 -7.14
C PRO A 114 -21.41 -0.83 -6.95
N GLY A 115 -20.94 -0.11 -7.97
CA GLY A 115 -20.97 1.34 -7.93
C GLY A 115 -21.96 1.88 -8.94
N ARG A 116 -22.93 2.67 -8.50
CA ARG A 116 -23.92 3.20 -9.41
C ARG A 116 -23.36 4.39 -10.18
N HIS A 117 -23.60 4.40 -11.49
CA HIS A 117 -23.24 5.50 -12.37
C HIS A 117 -24.38 5.68 -13.36
N GLY A 118 -25.35 6.50 -12.99
CA GLY A 118 -26.54 6.65 -13.81
C GLY A 118 -27.44 5.45 -13.66
N GLU A 119 -27.91 4.92 -14.78
CA GLU A 119 -28.76 3.74 -14.79
C GLU A 119 -27.98 2.45 -14.60
N TYR A 120 -26.66 2.51 -14.59
CA TYR A 120 -25.84 1.31 -14.56
C TYR A 120 -25.09 1.18 -13.25
N PHE A 121 -24.89 -0.07 -12.84
CA PHE A 121 -23.95 -0.41 -11.79
C PHE A 121 -22.71 -1.02 -12.44
N TYR A 122 -21.54 -0.68 -11.89
CA TYR A 122 -20.28 -1.24 -12.35
C TYR A 122 -19.59 -1.93 -11.18
N TYR A 123 -18.97 -3.07 -11.46
CA TYR A 123 -18.30 -3.80 -10.39
C TYR A 123 -17.20 -4.65 -10.99
N TYR A 124 -16.17 -4.90 -10.19
CA TYR A 124 -15.10 -5.80 -10.59
C TYR A 124 -15.46 -7.23 -10.23
N HIS A 125 -15.06 -8.16 -11.09
CA HIS A 125 -15.36 -9.57 -10.89
C HIS A 125 -14.13 -10.39 -11.29
N ASN A 126 -13.85 -11.42 -10.51
CA ASN A 126 -12.86 -12.43 -10.87
C ASN A 126 -13.55 -13.78 -10.76
N THR A 127 -13.52 -14.56 -11.84
CA THR A 127 -14.12 -15.89 -11.79
C THR A 127 -13.43 -16.78 -10.77
N GLY A 128 -12.20 -16.45 -10.37
CA GLY A 128 -11.52 -17.17 -9.32
C GLY A 128 -10.02 -17.00 -9.41
N LEU A 129 -9.47 -17.31 -10.58
CA LEU A 129 -8.01 -17.34 -10.77
C LEU A 129 -7.56 -16.48 -11.94
N GLN A 130 -8.41 -15.58 -12.44
CA GLN A 130 -7.97 -14.69 -13.51
C GLN A 130 -6.83 -13.81 -13.01
N ASN A 131 -5.91 -13.50 -13.91
CA ASN A 131 -4.74 -12.71 -13.52
C ASN A 131 -5.16 -11.32 -13.06
N GLN A 132 -6.15 -10.73 -13.72
CA GLN A 132 -6.70 -9.42 -13.36
C GLN A 132 -8.21 -9.54 -13.28
N SER A 133 -8.81 -8.77 -12.37
CA SER A 133 -10.26 -8.73 -12.31
C SER A 133 -10.82 -7.96 -13.49
N VAL A 134 -12.07 -8.29 -13.85
CA VAL A 134 -12.75 -7.71 -15.01
C VAL A 134 -13.81 -6.75 -14.51
N LEU A 135 -13.91 -5.59 -15.15
CA LEU A 135 -14.91 -4.59 -14.81
C LEU A 135 -16.17 -4.87 -15.62
N TYR A 136 -17.27 -5.13 -14.91
CA TYR A 136 -18.56 -5.44 -15.52
C TYR A 136 -19.51 -4.28 -15.33
N ALA A 137 -20.49 -4.17 -16.23
CA ALA A 137 -21.56 -3.19 -16.14
C ALA A 137 -22.89 -3.91 -16.24
N GLN A 138 -23.89 -3.38 -15.53
CA GLN A 138 -25.23 -3.94 -15.57
C GLN A 138 -26.25 -2.84 -15.38
N LYS A 139 -27.34 -2.89 -16.15
CA LYS A 139 -28.37 -1.85 -16.11
C LYS A 139 -29.35 -2.17 -14.99
N GLY A 140 -28.95 -1.85 -13.78
CA GLY A 140 -29.71 -2.21 -12.60
C GLY A 140 -29.20 -3.48 -11.98
N LEU A 141 -29.38 -3.59 -10.66
CA LEU A 141 -28.82 -4.72 -9.91
C LEU A 141 -29.35 -6.07 -10.38
N GLY A 142 -30.50 -6.11 -11.03
CA GLY A 142 -31.10 -7.35 -11.48
C GLY A 142 -30.90 -7.69 -12.95
N ALA A 143 -30.08 -6.93 -13.67
CA ALA A 143 -29.92 -7.12 -15.11
C ALA A 143 -28.72 -8.01 -15.43
N ASP A 144 -28.72 -8.52 -16.65
CA ASP A 144 -27.61 -9.31 -17.16
C ASP A 144 -26.37 -8.42 -17.25
N PRO A 145 -25.26 -8.80 -16.63
CA PRO A 145 -24.04 -7.98 -16.74
C PRO A 145 -23.28 -8.29 -18.01
N SER A 146 -22.44 -7.34 -18.40
CA SER A 146 -21.60 -7.49 -19.57
C SER A 146 -20.22 -6.90 -19.31
N VAL A 147 -19.22 -7.47 -19.97
CA VAL A 147 -17.84 -7.00 -19.79
C VAL A 147 -17.71 -5.59 -20.32
N PHE A 148 -17.21 -4.70 -19.47
CA PHE A 148 -16.95 -3.31 -19.82
C PHE A 148 -15.47 -3.03 -20.06
N LEU A 149 -14.59 -3.61 -19.24
CA LEU A 149 -13.15 -3.46 -19.41
C LEU A 149 -12.47 -4.70 -18.86
N ASP A 150 -11.74 -5.42 -19.72
CA ASP A 150 -11.03 -6.63 -19.32
C ASP A 150 -9.54 -6.42 -19.48
N PRO A 151 -8.81 -6.14 -18.39
CA PRO A 151 -7.36 -5.97 -18.51
C PRO A 151 -6.63 -7.21 -19.00
N ASN A 152 -7.21 -8.40 -18.81
CA ASN A 152 -6.53 -9.61 -19.28
C ASN A 152 -6.40 -9.63 -20.79
N SER A 153 -7.31 -8.95 -21.50
CA SER A 153 -7.23 -8.91 -22.96
C SER A 153 -6.09 -8.03 -23.45
N LEU A 154 -5.40 -7.32 -22.55
CA LEU A 154 -4.33 -6.41 -22.92
C LEU A 154 -2.94 -7.01 -22.77
N SER A 155 -2.83 -8.19 -22.19
CA SER A 155 -1.51 -8.78 -21.96
C SER A 155 -1.65 -10.29 -21.87
N GLU A 156 -0.71 -11.00 -22.51
CA GLU A 156 -0.76 -12.46 -22.56
C GLU A 156 -0.45 -13.11 -21.23
N ASP A 157 0.27 -12.41 -20.35
CA ASP A 157 0.62 -12.91 -19.02
C ASP A 157 0.01 -12.09 -17.90
N GLY A 158 -0.97 -11.25 -18.22
CA GLY A 158 -1.65 -10.46 -17.20
C GLY A 158 -0.83 -9.37 -16.57
N THR A 159 0.19 -8.87 -17.26
CA THR A 159 1.09 -7.87 -16.70
C THR A 159 0.70 -6.44 -17.08
N VAL A 160 -0.51 -6.23 -17.58
CA VAL A 160 -1.10 -4.91 -17.70
C VAL A 160 -2.23 -4.83 -16.68
N SER A 161 -2.19 -3.79 -15.84
CA SER A 161 -3.18 -3.65 -14.78
C SER A 161 -3.78 -2.26 -14.80
N LEU A 162 -4.99 -2.17 -14.26
CA LEU A 162 -5.62 -0.87 -14.05
C LEU A 162 -4.93 -0.15 -12.89
N ARG A 163 -4.89 1.18 -12.98
CA ARG A 163 -4.34 2.01 -11.90
C ARG A 163 -5.04 3.37 -11.99
N GLY A 164 -6.13 3.51 -11.23
CA GLY A 164 -6.91 4.73 -11.23
C GLY A 164 -8.04 4.70 -12.24
N THR A 165 -9.25 5.05 -11.81
CA THR A 165 -10.40 5.15 -12.71
C THR A 165 -11.25 6.34 -12.29
N ALA A 166 -11.99 6.89 -13.25
CA ALA A 166 -12.90 8.00 -12.95
C ALA A 166 -13.95 8.12 -14.04
N PHE A 167 -15.21 8.04 -13.66
CA PHE A 167 -16.30 8.35 -14.58
C PHE A 167 -16.51 9.86 -14.63
N SER A 168 -16.94 10.34 -15.79
CA SER A 168 -17.39 11.71 -15.89
C SER A 168 -18.67 11.89 -15.05
N GLU A 169 -18.99 13.16 -14.76
CA GLU A 169 -20.11 13.44 -13.86
C GLU A 169 -21.45 13.02 -14.44
N ASN A 170 -21.58 12.99 -15.77
CA ASN A 170 -22.79 12.52 -16.42
C ASN A 170 -22.74 11.03 -16.74
N ASP A 171 -21.68 10.34 -16.31
CA ASP A 171 -21.51 8.89 -16.47
C ASP A 171 -21.45 8.46 -17.93
N GLN A 172 -21.16 9.38 -18.84
CA GLN A 172 -21.07 9.05 -20.25
C GLN A 172 -19.64 8.72 -20.69
N PHE A 173 -18.65 9.03 -19.87
CA PHE A 173 -17.24 8.76 -20.20
C PHE A 173 -16.56 8.12 -19.00
N PHE A 174 -15.49 7.38 -19.30
CA PHE A 174 -14.75 6.63 -18.28
C PHE A 174 -13.27 6.77 -18.59
N ALA A 175 -12.53 7.37 -17.67
CA ALA A 175 -11.08 7.47 -17.76
C ALA A 175 -10.45 6.41 -16.86
N TYR A 176 -9.33 5.85 -17.30
CA TYR A 176 -8.67 4.83 -16.52
C TYR A 176 -7.18 4.82 -16.85
N GLY A 177 -6.38 4.50 -15.83
CA GLY A 177 -4.95 4.36 -16.01
C GLY A 177 -4.56 2.90 -16.22
N LEU A 178 -3.54 2.70 -17.05
CA LEU A 178 -2.96 1.39 -17.28
C LEU A 178 -1.48 1.42 -16.95
N SER A 179 -1.02 0.39 -16.24
CA SER A 179 0.39 0.24 -15.91
C SER A 179 0.89 -1.08 -16.48
N LYS A 180 2.13 -1.08 -16.94
CA LYS A 180 2.74 -2.25 -17.58
C LYS A 180 3.85 -2.82 -16.70
N SER A 181 3.83 -4.14 -16.52
CA SER A 181 4.88 -4.86 -15.81
C SER A 181 5.05 -4.40 -14.36
N GLY A 182 4.00 -3.84 -13.78
CA GLY A 182 4.02 -3.43 -12.38
C GLY A 182 4.62 -2.08 -12.11
N SER A 183 4.97 -1.31 -13.14
CA SER A 183 5.56 0.02 -12.95
C SER A 183 4.52 1.01 -12.43
N ASP A 184 5.01 2.02 -11.69
CA ASP A 184 4.16 3.14 -11.28
C ASP A 184 3.75 4.02 -12.46
N TRP A 185 4.47 3.96 -13.58
CA TRP A 185 4.11 4.77 -14.74
C TRP A 185 2.73 4.35 -15.24
N VAL A 186 1.96 5.34 -15.69
CA VAL A 186 0.57 5.14 -16.10
C VAL A 186 0.36 5.76 -17.47
N THR A 187 -0.46 5.10 -18.29
CA THR A 187 -1.07 5.70 -19.47
C THR A 187 -2.56 5.81 -19.21
N ILE A 188 -3.11 7.02 -19.32
CA ILE A 188 -4.54 7.22 -19.14
C ILE A 188 -5.23 7.08 -20.48
N LYS A 189 -6.27 6.25 -20.53
CA LYS A 189 -7.09 6.06 -21.71
C LYS A 189 -8.55 6.31 -21.33
N PHE A 190 -9.41 6.32 -22.35
CA PHE A 190 -10.80 6.74 -22.17
C PHE A 190 -11.74 5.81 -22.93
N LYS A 191 -12.92 5.60 -22.35
CA LYS A 191 -13.98 4.84 -23.00
C LYS A 191 -15.29 5.61 -22.90
N LYS A 192 -16.18 5.37 -23.86
CA LYS A 192 -17.57 5.76 -23.70
C LYS A 192 -18.24 4.79 -22.73
N ALA A 193 -19.14 5.32 -21.90
CA ALA A 193 -19.88 4.48 -20.97
C ALA A 193 -21.38 4.66 -21.22
N PRO A 194 -22.17 3.57 -21.18
CA PRO A 194 -21.78 2.21 -20.80
C PRO A 194 -21.29 1.34 -21.95
N SER A 195 -21.20 1.88 -23.18
CA SER A 195 -20.90 1.04 -24.33
C SER A 195 -19.51 0.44 -24.26
N GLY A 196 -18.58 1.10 -23.58
CA GLY A 196 -17.21 0.64 -23.53
C GLY A 196 -16.40 0.91 -24.78
N GLU A 197 -16.97 1.63 -25.75
CA GLU A 197 -16.23 1.95 -26.96
C GLU A 197 -15.04 2.84 -26.64
N ASP A 198 -13.92 2.56 -27.29
CA ASP A 198 -12.69 3.26 -26.96
C ASP A 198 -12.62 4.60 -27.67
N LEU A 199 -12.18 5.61 -26.94
CA LEU A 199 -11.81 6.89 -27.52
C LEU A 199 -10.33 6.87 -27.87
N PRO A 200 -9.89 7.73 -28.79
CA PRO A 200 -8.46 7.74 -29.15
C PRO A 200 -7.57 8.37 -28.09
N ASP A 201 -8.12 9.17 -27.17
CA ASP A 201 -7.33 9.97 -26.26
C ASP A 201 -6.39 9.11 -25.42
N THR A 202 -5.11 9.46 -25.41
CA THR A 202 -4.08 8.70 -24.71
C THR A 202 -3.13 9.69 -24.04
N LEU A 203 -3.00 9.59 -22.72
CA LEU A 203 -2.15 10.49 -21.95
C LEU A 203 -0.97 9.71 -21.39
N GLU A 204 0.24 10.11 -21.77
CA GLU A 204 1.45 9.41 -21.37
C GLU A 204 2.20 10.18 -20.30
N ARG A 205 3.18 9.51 -19.70
CA ARG A 205 4.07 10.08 -18.67
C ARG A 205 3.31 10.48 -17.41
N VAL A 206 2.23 9.78 -17.14
CA VAL A 206 1.41 9.98 -15.95
C VAL A 206 1.98 9.15 -14.81
N LYS A 207 2.04 9.75 -13.62
CA LYS A 207 2.49 9.02 -12.44
C LYS A 207 1.96 9.74 -11.21
N PHE A 208 1.51 8.96 -10.23
CA PHE A 208 1.00 9.50 -8.96
C PHE A 208 -0.05 10.57 -9.18
N SER A 209 -1.08 10.23 -9.96
CA SER A 209 -1.87 11.22 -10.67
C SER A 209 -3.28 11.36 -10.11
N SER A 210 -3.75 12.62 -10.11
CA SER A 210 -5.16 12.91 -10.00
C SER A 210 -5.89 12.47 -11.27
N MET A 211 -7.22 12.43 -11.18
CA MET A 211 -8.07 12.08 -12.32
C MET A 211 -9.43 12.73 -12.06
N ALA A 212 -9.52 14.03 -12.35
CA ALA A 212 -10.65 14.85 -11.89
C ALA A 212 -11.36 15.47 -13.08
N TRP A 213 -12.55 14.98 -13.38
CA TRP A 213 -13.36 15.51 -14.48
C TRP A 213 -13.99 16.85 -14.10
N THR A 214 -13.97 17.80 -15.03
CA THR A 214 -14.81 18.98 -14.89
C THR A 214 -16.25 18.62 -15.23
N HIS A 215 -17.19 19.35 -14.63
CA HIS A 215 -18.60 18.99 -14.74
C HIS A 215 -19.24 19.42 -16.06
N ASP A 216 -18.49 20.11 -16.92
CA ASP A 216 -18.92 20.31 -18.29
C ASP A 216 -18.67 19.09 -19.16
N HIS A 217 -18.07 18.04 -18.61
CA HIS A 217 -17.77 16.79 -19.29
C HIS A 217 -16.77 16.95 -20.44
N LYS A 218 -16.01 18.04 -20.43
CA LYS A 218 -15.11 18.36 -21.54
C LYS A 218 -13.69 17.85 -21.35
N GLY A 219 -13.30 17.46 -20.15
CA GLY A 219 -11.94 16.99 -19.93
C GLY A 219 -11.67 16.75 -18.46
N LEU A 220 -10.41 16.45 -18.15
CA LEU A 220 -10.06 16.15 -16.78
C LEU A 220 -8.65 16.63 -16.43
N PHE A 221 -8.46 16.87 -15.14
CA PHE A 221 -7.17 17.22 -14.58
C PHE A 221 -6.40 15.95 -14.24
N TYR A 222 -5.11 15.95 -14.53
CA TYR A 222 -4.26 14.81 -14.24
C TYR A 222 -2.83 15.32 -14.05
N ASN A 223 -1.97 14.46 -13.54
CA ASN A 223 -0.58 14.82 -13.27
C ASN A 223 0.36 14.07 -14.21
N ARG A 224 1.44 14.74 -14.60
CA ARG A 224 2.44 14.08 -15.42
C ARG A 224 3.78 14.73 -15.20
N TYR A 225 4.82 14.03 -15.63
CA TYR A 225 6.20 14.52 -15.53
C TYR A 225 6.69 14.86 -16.92
N LEU A 226 7.39 15.98 -17.03
CA LEU A 226 8.01 16.34 -18.30
C LEU A 226 9.12 15.36 -18.64
N GLU A 227 9.60 15.43 -19.88
CA GLU A 227 10.54 14.45 -20.41
C GLU A 227 11.82 14.42 -19.59
N GLN A 228 12.46 13.25 -19.55
CA GLN A 228 13.63 13.04 -18.72
C GLN A 228 14.67 12.25 -19.50
N GLN A 229 15.92 12.38 -19.04
CA GLN A 229 17.01 11.63 -19.64
C GLN A 229 16.81 10.14 -19.39
N GLY A 230 17.10 9.34 -20.41
CA GLY A 230 17.02 7.89 -20.25
C GLY A 230 15.61 7.34 -20.40
N LYS A 231 15.43 6.13 -19.89
CA LYS A 231 14.21 5.36 -20.05
C LYS A 231 13.17 5.74 -19.00
N SER A 232 11.90 5.54 -19.35
CA SER A 232 10.78 5.70 -18.43
C SER A 232 9.85 4.50 -18.58
N ASP A 233 10.30 3.34 -18.10
CA ASP A 233 9.50 2.13 -18.20
C ASP A 233 9.40 1.35 -16.90
N GLY A 234 9.98 1.84 -15.82
CA GLY A 234 9.97 1.13 -14.55
C GLY A 234 11.27 0.43 -14.21
N THR A 235 12.20 0.34 -15.17
CA THR A 235 13.52 -0.23 -14.89
C THR A 235 14.56 0.84 -14.56
N GLU A 236 14.26 2.10 -14.82
CA GLU A 236 15.18 3.18 -14.50
C GLU A 236 15.12 3.52 -13.01
N THR A 237 16.17 4.17 -12.52
CA THR A 237 16.21 4.64 -11.14
C THR A 237 16.02 6.14 -11.02
N THR A 238 15.81 6.82 -12.15
CA THR A 238 15.80 8.29 -12.20
C THR A 238 14.77 8.89 -11.25
N MET A 239 15.20 9.91 -10.50
CA MET A 239 14.31 10.61 -9.57
C MET A 239 13.18 11.30 -10.33
N ASN A 240 12.01 11.34 -9.68
CA ASN A 240 10.83 12.01 -10.21
C ASN A 240 10.58 13.27 -9.40
N VAL A 241 10.81 14.44 -10.02
CA VAL A 241 10.55 15.72 -9.39
C VAL A 241 9.82 16.60 -10.40
N ASP A 242 9.33 17.74 -9.90
CA ASP A 242 8.64 18.74 -10.73
C ASP A 242 7.38 18.17 -11.37
N GLN A 243 6.60 17.42 -10.59
CA GLN A 243 5.34 16.91 -11.10
C GLN A 243 4.42 18.08 -11.45
N LYS A 244 3.79 17.99 -12.62
CA LYS A 244 2.93 19.05 -13.13
C LYS A 244 1.47 18.62 -13.06
N LEU A 245 0.59 19.61 -12.99
CA LEU A 245 -0.85 19.37 -13.13
C LEU A 245 -1.27 19.89 -14.49
N PHE A 246 -1.89 19.02 -15.28
CA PHE A 246 -2.33 19.34 -16.63
C PHE A 246 -3.84 19.15 -16.72
N TYR A 247 -4.42 19.72 -17.78
CA TYR A 247 -5.84 19.52 -18.10
C TYR A 247 -5.92 19.01 -19.53
N HIS A 248 -6.54 17.86 -19.72
CA HIS A 248 -6.72 17.28 -21.04
C HIS A 248 -8.16 17.45 -21.50
N ARG A 249 -8.34 18.02 -22.68
CA ARG A 249 -9.65 18.17 -23.29
C ARG A 249 -9.95 16.93 -24.13
N LEU A 250 -11.12 16.33 -23.89
CA LEU A 250 -11.55 15.19 -24.68
C LEU A 250 -11.58 15.57 -26.16
N GLY A 251 -11.10 14.66 -27.00
CA GLY A 251 -11.09 14.89 -28.44
C GLY A 251 -9.89 15.64 -28.96
N THR A 252 -8.83 15.78 -28.16
CA THR A 252 -7.60 16.42 -28.60
C THR A 252 -6.43 15.49 -28.34
N ASP A 253 -5.31 15.78 -29.00
CA ASP A 253 -4.06 15.09 -28.71
C ASP A 253 -3.48 15.64 -27.41
N GLN A 254 -2.72 14.79 -26.71
CA GLN A 254 -2.10 15.21 -25.46
C GLN A 254 -1.19 16.41 -25.65
N SER A 255 -0.64 16.62 -26.84
CA SER A 255 0.20 17.78 -27.08
C SER A 255 -0.55 19.10 -26.87
N GLU A 256 -1.88 19.08 -26.93
CA GLU A 256 -2.69 20.26 -26.69
C GLU A 256 -3.05 20.46 -25.23
N ASP A 257 -2.66 19.53 -24.35
CA ASP A 257 -3.05 19.64 -22.95
C ASP A 257 -2.44 20.89 -22.32
N VAL A 258 -3.18 21.46 -21.38
CA VAL A 258 -2.88 22.75 -20.78
C VAL A 258 -2.19 22.52 -19.44
N LEU A 259 -1.03 23.15 -19.24
CA LEU A 259 -0.36 23.13 -17.94
C LEU A 259 -1.10 24.10 -17.03
N VAL A 260 -1.75 23.58 -15.99
CA VAL A 260 -2.58 24.42 -15.13
C VAL A 260 -1.95 24.75 -13.78
N ALA A 261 -0.98 23.97 -13.31
CA ALA A 261 -0.33 24.28 -12.05
C ALA A 261 1.06 23.64 -12.03
N GLU A 262 2.01 24.36 -11.45
CA GLU A 262 3.37 23.87 -11.26
C GLU A 262 4.02 24.70 -10.16
N PHE A 263 4.98 24.10 -9.47
CA PHE A 263 5.72 24.77 -8.40
C PHE A 263 7.21 24.50 -8.58
N PRO A 264 7.84 25.14 -9.57
CA PRO A 264 9.26 24.85 -9.83
C PRO A 264 10.19 25.29 -8.72
N GLU A 265 9.78 26.19 -7.82
CA GLU A 265 10.59 26.50 -6.66
C GLU A 265 10.45 25.46 -5.55
N HIS A 266 9.57 24.48 -5.73
CA HIS A 266 9.39 23.39 -4.77
C HIS A 266 9.26 22.09 -5.56
N PRO A 267 10.38 21.56 -6.05
CA PRO A 267 10.32 20.43 -6.99
C PRO A 267 9.75 19.16 -6.41
N ARG A 268 9.64 19.05 -5.09
CA ARG A 268 9.08 17.86 -4.48
C ARG A 268 7.60 17.99 -4.17
N TRP A 269 7.01 19.17 -4.38
CA TRP A 269 5.58 19.31 -4.16
C TRP A 269 4.81 18.50 -5.20
N MET A 270 3.72 17.88 -4.78
CA MET A 270 2.86 17.11 -5.65
C MET A 270 1.43 17.65 -5.53
N ILE A 271 0.80 17.90 -6.68
CA ILE A 271 -0.41 18.72 -6.75
C ILE A 271 -1.62 17.80 -6.93
N GLY A 272 -2.32 17.53 -5.83
CA GLY A 272 -3.57 16.79 -5.92
C GLY A 272 -4.70 17.69 -6.39
N ALA A 273 -5.54 17.15 -7.27
CA ALA A 273 -6.63 17.91 -7.87
C ALA A 273 -7.93 17.13 -7.75
N GLU A 274 -8.98 17.81 -7.29
CA GLU A 274 -10.32 17.26 -7.22
C GLU A 274 -11.30 18.37 -7.54
N VAL A 275 -12.34 18.05 -8.31
CA VAL A 275 -13.39 19.00 -8.59
C VAL A 275 -14.51 18.81 -7.56
N SER A 276 -15.00 19.92 -7.02
CA SER A 276 -16.01 19.88 -5.97
C SER A 276 -17.29 19.21 -6.45
N ASP A 277 -18.10 18.76 -5.49
CA ASP A 277 -19.29 17.98 -5.81
C ASP A 277 -20.27 18.77 -6.67
N CYS A 278 -20.23 20.10 -6.62
CA CYS A 278 -21.08 20.95 -7.42
C CYS A 278 -20.43 21.37 -8.75
N GLY A 279 -19.14 21.10 -8.94
CA GLY A 279 -18.45 21.42 -10.17
C GLY A 279 -17.79 22.78 -10.22
N ARG A 280 -18.03 23.64 -9.23
CA ARG A 280 -17.57 25.02 -9.32
C ARG A 280 -16.09 25.17 -8.97
N TYR A 281 -15.56 24.38 -8.06
CA TYR A 281 -14.25 24.61 -7.49
C TYR A 281 -13.29 23.48 -7.82
N LEU A 282 -12.06 23.84 -8.16
CA LEU A 282 -10.94 22.90 -8.17
C LEU A 282 -10.26 22.97 -6.81
N VAL A 283 -10.27 21.87 -6.09
CA VAL A 283 -9.62 21.78 -4.79
C VAL A 283 -8.21 21.24 -5.02
N MET A 284 -7.21 22.02 -4.63
CA MET A 284 -5.79 21.66 -4.82
C MET A 284 -5.21 21.29 -3.47
N THR A 285 -4.83 20.02 -3.31
CA THR A 285 -4.25 19.50 -2.08
C THR A 285 -2.79 19.16 -2.38
N ILE A 286 -1.89 19.98 -1.85
CA ILE A 286 -0.47 19.93 -2.21
C ILE A 286 0.28 19.18 -1.14
N HIS A 287 1.04 18.16 -1.55
CA HIS A 287 1.79 17.33 -0.63
C HIS A 287 3.28 17.49 -0.88
N GLU A 288 4.06 17.30 0.18
CA GLU A 288 5.51 17.20 0.07
C GLU A 288 5.96 16.11 1.05
N GLY A 289 6.29 14.95 0.52
CA GLY A 289 6.58 13.81 1.36
C GLY A 289 5.33 13.04 1.72
N CYS A 290 5.49 12.15 2.70
CA CYS A 290 4.49 11.14 3.00
C CYS A 290 3.70 11.39 4.28
N ASP A 291 3.94 12.48 4.99
CA ASP A 291 3.19 12.75 6.20
C ASP A 291 1.74 13.06 5.85
N PRO A 292 0.80 12.78 6.75
CA PRO A 292 -0.61 13.14 6.50
C PRO A 292 -0.84 14.63 6.75
N VAL A 293 -0.27 15.46 5.87
CA VAL A 293 -0.43 16.91 5.91
C VAL A 293 -0.46 17.40 4.46
N ASN A 294 -1.08 18.56 4.26
CA ASN A 294 -1.11 19.13 2.92
C ASN A 294 -1.47 20.61 2.99
N ARG A 295 -0.99 21.36 2.01
CA ARG A 295 -1.54 22.67 1.75
C ARG A 295 -2.88 22.54 1.07
N LEU A 296 -3.68 23.60 1.15
CA LEU A 296 -5.04 23.61 0.62
C LEU A 296 -5.25 24.91 -0.15
N TYR A 297 -5.28 24.82 -1.47
CA TYR A 297 -5.60 25.94 -2.34
C TYR A 297 -6.85 25.58 -3.14
N TYR A 298 -7.48 26.59 -3.75
CA TYR A 298 -8.59 26.28 -4.64
C TYR A 298 -8.64 27.28 -5.80
N VAL A 299 -9.33 26.86 -6.86
CA VAL A 299 -9.62 27.71 -8.00
C VAL A 299 -11.13 27.75 -8.18
N ASP A 300 -11.68 28.96 -8.34
CA ASP A 300 -13.09 29.14 -8.65
C ASP A 300 -13.23 29.01 -10.17
N LEU A 301 -13.65 27.83 -10.63
CA LEU A 301 -13.70 27.57 -12.07
C LEU A 301 -14.84 28.32 -12.74
N LYS A 302 -15.94 28.54 -12.03
CA LYS A 302 -17.08 29.22 -12.65
C LYS A 302 -16.87 30.72 -12.77
N SER A 303 -16.00 31.30 -11.95
CA SER A 303 -15.71 32.73 -12.02
C SER A 303 -14.60 33.07 -12.98
N MET A 304 -13.98 32.09 -13.62
CA MET A 304 -12.93 32.36 -14.59
C MET A 304 -13.54 33.05 -15.81
N GLN A 305 -12.83 34.06 -16.33
CA GLN A 305 -13.29 34.76 -17.51
C GLN A 305 -12.89 34.07 -18.80
N ASN A 306 -12.28 32.90 -18.71
CA ASN A 306 -11.95 32.12 -19.91
C ASN A 306 -11.96 30.64 -19.54
N GLU A 307 -12.13 29.82 -20.56
CA GLU A 307 -11.97 28.38 -20.41
C GLU A 307 -10.55 28.05 -19.95
N ILE A 308 -10.39 26.84 -19.41
CA ILE A 308 -9.08 26.39 -18.92
C ILE A 308 -8.06 26.48 -20.05
N ARG A 309 -7.18 27.48 -19.98
CA ARG A 309 -6.24 27.78 -21.04
C ARG A 309 -4.77 27.74 -20.62
N GLY A 310 -4.48 27.94 -19.34
CA GLY A 310 -3.11 28.01 -18.88
C GLY A 310 -3.03 27.88 -17.37
N VAL A 311 -1.96 28.42 -16.77
CA VAL A 311 -1.81 28.35 -15.32
C VAL A 311 -2.98 29.04 -14.65
N LEU A 312 -3.63 28.31 -13.74
CA LEU A 312 -4.81 28.84 -13.07
C LEU A 312 -4.44 29.72 -11.89
N SER A 313 -5.25 30.73 -11.63
CA SER A 313 -5.07 31.61 -10.48
C SER A 313 -5.81 31.00 -9.30
N TYR A 314 -5.08 30.69 -8.23
CA TYR A 314 -5.66 30.03 -7.08
C TYR A 314 -5.68 30.94 -5.87
N VAL A 315 -6.50 30.55 -4.89
CA VAL A 315 -6.59 31.19 -3.59
C VAL A 315 -6.05 30.21 -2.56
N LYS A 316 -5.18 30.69 -1.68
CA LYS A 316 -4.59 29.85 -0.64
C LYS A 316 -5.49 29.87 0.60
N ILE A 317 -5.95 28.70 1.02
CA ILE A 317 -6.68 28.55 2.28
C ILE A 317 -5.74 28.15 3.41
N VAL A 318 -4.88 27.16 3.16
CA VAL A 318 -3.86 26.73 4.11
C VAL A 318 -2.53 26.75 3.38
N ASP A 319 -1.62 27.61 3.84
CA ASP A 319 -0.34 27.82 3.17
C ASP A 319 0.81 27.30 4.04
N ASN A 320 0.69 26.07 4.51
CA ASN A 320 1.71 25.42 5.31
C ASN A 320 1.44 23.92 5.28
N PHE A 321 2.36 23.17 5.87
CA PHE A 321 2.25 21.71 5.97
C PHE A 321 1.98 21.24 7.40
N ASP A 322 1.22 22.02 8.17
CA ASP A 322 1.00 21.68 9.57
C ASP A 322 -0.02 20.57 9.78
N ALA A 323 -0.94 20.34 8.84
CA ALA A 323 -2.02 19.40 9.10
C ALA A 323 -2.62 18.92 7.79
N GLU A 324 -3.40 17.85 7.89
CA GLU A 324 -4.13 17.30 6.75
C GLU A 324 -5.43 18.07 6.56
N TYR A 325 -5.80 18.28 5.30
CA TYR A 325 -7.13 18.78 4.94
C TYR A 325 -7.60 17.93 3.76
N GLU A 326 -8.45 16.94 4.05
CA GLU A 326 -8.94 15.99 3.07
C GLU A 326 -10.40 16.31 2.76
N TYR A 327 -10.67 16.65 1.51
CA TYR A 327 -12.00 17.06 1.10
C TYR A 327 -13.01 15.92 1.25
N ILE A 328 -14.13 16.21 1.91
CA ILE A 328 -15.25 15.28 2.03
C ILE A 328 -16.37 15.70 1.08
N THR A 329 -16.87 16.91 1.25
CA THR A 329 -17.95 17.43 0.42
C THR A 329 -18.05 18.93 0.65
N ASN A 330 -18.91 19.57 -0.14
CA ASN A 330 -19.20 20.98 0.05
C ASN A 330 -20.66 21.23 -0.25
N ASP A 331 -21.23 22.20 0.45
CA ASP A 331 -22.58 22.72 0.21
C ASP A 331 -22.37 24.20 -0.11
N GLY A 332 -22.46 24.56 -1.38
CA GLY A 332 -22.07 25.91 -1.74
C GLY A 332 -20.63 26.15 -1.36
N SER A 333 -20.37 27.31 -0.75
CA SER A 333 -19.01 27.69 -0.38
C SER A 333 -18.52 27.05 0.91
N LYS A 334 -19.36 26.29 1.62
CA LYS A 334 -18.97 25.66 2.88
C LYS A 334 -18.42 24.27 2.60
N PHE A 335 -17.13 24.07 2.90
CA PHE A 335 -16.43 22.84 2.59
C PHE A 335 -16.15 22.06 3.87
N THR A 336 -16.36 20.74 3.82
CA THR A 336 -16.10 19.85 4.94
C THR A 336 -14.81 19.08 4.67
N PHE A 337 -13.91 19.08 5.65
CA PHE A 337 -12.62 18.42 5.53
C PHE A 337 -12.36 17.50 6.73
N LYS A 338 -11.74 16.36 6.46
CA LYS A 338 -11.09 15.61 7.53
C LYS A 338 -9.73 16.24 7.82
N THR A 339 -9.40 16.35 9.09
CA THR A 339 -8.14 16.99 9.47
C THR A 339 -7.58 16.32 10.72
N ASN A 340 -6.27 16.47 10.89
CA ASN A 340 -5.60 16.09 12.13
C ASN A 340 -5.06 17.30 12.88
N LEU A 341 -5.51 18.50 12.50
CA LEU A 341 -5.11 19.74 13.16
C LEU A 341 -5.46 19.68 14.65
N ASN A 342 -4.43 19.64 15.50
CA ASN A 342 -4.63 19.51 16.95
C ASN A 342 -5.51 18.32 17.29
N ALA A 343 -5.44 17.27 16.47
CA ALA A 343 -6.33 16.12 16.64
C ALA A 343 -5.64 14.91 16.02
N SER A 344 -4.77 14.27 16.82
CA SER A 344 -3.98 13.15 16.31
C SER A 344 -4.83 11.97 15.89
N ARG A 345 -6.06 11.87 16.37
CA ARG A 345 -6.97 10.79 15.99
C ARG A 345 -7.98 11.22 14.94
N TYR A 346 -7.86 12.45 14.44
CA TYR A 346 -8.62 12.99 13.31
C TYR A 346 -10.04 13.42 13.67
N LYS A 347 -10.57 14.35 12.89
CA LYS A 347 -11.88 14.95 13.13
C LYS A 347 -12.33 15.57 11.81
N LEU A 348 -13.57 16.06 11.80
CA LEU A 348 -14.09 16.80 10.65
C LEU A 348 -14.30 18.25 11.01
N ILE A 349 -13.88 19.15 10.10
CA ILE A 349 -14.09 20.58 10.26
C ILE A 349 -14.76 21.14 9.02
N ASN A 350 -15.39 22.30 9.20
CA ASN A 350 -15.98 23.06 8.10
C ASN A 350 -15.19 24.36 7.90
N ILE A 351 -14.78 24.61 6.65
CA ILE A 351 -14.18 25.87 6.24
C ILE A 351 -15.06 26.46 5.16
N ASP A 352 -15.46 27.71 5.33
CA ASP A 352 -16.25 28.40 4.31
C ASP A 352 -15.30 29.25 3.48
N PHE A 353 -15.27 28.98 2.17
CA PHE A 353 -14.39 29.75 1.28
C PHE A 353 -14.78 31.22 1.21
N ALA A 354 -16.01 31.57 1.60
CA ALA A 354 -16.41 32.97 1.63
C ALA A 354 -15.87 33.71 2.84
N ASP A 355 -15.39 32.99 3.85
CA ASP A 355 -14.81 33.60 5.06
C ASP A 355 -13.75 32.63 5.57
N PRO A 356 -12.64 32.48 4.86
CA PRO A 356 -11.76 31.32 5.05
C PRO A 356 -10.71 31.44 6.14
N ASP A 357 -10.61 32.58 6.83
CA ASP A 357 -9.63 32.67 7.91
C ASP A 357 -9.91 31.63 8.99
N GLN A 358 -8.83 31.12 9.58
CA GLN A 358 -8.93 30.01 10.54
C GLN A 358 -9.83 30.35 11.73
N SER A 359 -9.93 31.64 12.08
CA SER A 359 -10.82 32.02 13.18
C SER A 359 -12.27 31.70 12.90
N ASN A 360 -12.63 31.40 11.65
CA ASN A 360 -14.01 31.07 11.28
C ASN A 360 -14.25 29.59 11.11
N TRP A 361 -13.20 28.76 11.14
CA TRP A 361 -13.40 27.34 10.97
C TRP A 361 -14.18 26.77 12.15
N GLN A 362 -14.98 25.75 11.87
CA GLN A 362 -15.84 25.16 12.89
C GLN A 362 -15.65 23.64 12.91
N THR A 363 -15.61 23.08 14.10
CA THR A 363 -15.58 21.64 14.24
C THR A 363 -16.95 21.07 13.90
N LEU A 364 -16.99 20.11 12.99
CA LEU A 364 -18.22 19.42 12.63
C LEU A 364 -18.40 18.11 13.37
N VAL A 365 -17.35 17.30 13.45
CA VAL A 365 -17.35 16.06 14.20
C VAL A 365 -16.12 16.07 15.10
N ASP A 366 -16.35 16.01 16.41
CA ASP A 366 -15.25 16.05 17.36
C ASP A 366 -14.33 14.84 17.19
N GLU A 367 -13.06 15.05 17.51
CA GLU A 367 -12.12 13.95 17.61
C GLU A 367 -12.57 12.99 18.70
N ASP A 368 -12.42 11.70 18.45
CA ASP A 368 -12.72 10.68 19.44
C ASP A 368 -11.59 10.56 20.45
N GLU A 369 -11.94 10.17 21.68
CA GLU A 369 -10.95 10.06 22.74
C GLU A 369 -9.99 8.89 22.51
N LYS A 370 -10.41 7.88 21.74
CA LYS A 370 -9.64 6.65 21.59
C LYS A 370 -9.56 6.12 20.16
N SER A 371 -10.57 6.34 19.31
CA SER A 371 -10.62 5.74 17.99
C SER A 371 -10.13 6.71 16.93
N VAL A 372 -9.48 6.16 15.91
CA VAL A 372 -8.97 6.97 14.79
C VAL A 372 -10.07 7.06 13.73
N LEU A 373 -10.40 8.29 13.33
CA LEU A 373 -11.28 8.49 12.19
C LEU A 373 -10.46 8.27 10.92
N GLU A 374 -10.79 7.20 10.19
CA GLU A 374 -10.03 6.83 9.00
C GLU A 374 -10.51 7.54 7.73
N TRP A 375 -11.83 7.65 7.54
CA TRP A 375 -12.36 8.33 6.38
C TRP A 375 -13.82 8.68 6.62
N ALA A 376 -14.32 9.61 5.79
CA ALA A 376 -15.71 10.01 5.81
C ALA A 376 -16.19 10.18 4.38
N ALA A 377 -17.47 9.88 4.16
CA ALA A 377 -18.07 10.01 2.85
C ALA A 377 -19.48 10.56 3.00
N CYS A 378 -19.86 11.43 2.07
CA CYS A 378 -21.19 12.02 2.06
C CYS A 378 -22.10 11.23 1.13
N VAL A 379 -23.29 10.90 1.60
CA VAL A 379 -24.26 10.14 0.82
C VAL A 379 -25.66 10.70 1.09
N ASN A 380 -26.52 10.60 0.08
CA ASN A 380 -27.91 11.01 0.18
C ASN A 380 -28.05 12.45 0.68
N LYS A 381 -27.25 13.33 0.08
CA LYS A 381 -27.34 14.78 0.22
C LYS A 381 -26.77 15.31 1.52
N ASP A 382 -27.18 14.75 2.67
CA ASP A 382 -26.80 15.34 3.94
C ASP A 382 -26.49 14.31 5.02
N LYS A 383 -26.07 13.11 4.63
CA LYS A 383 -25.64 12.10 5.57
C LYS A 383 -24.16 11.80 5.36
N LEU A 384 -23.50 11.39 6.43
CA LEU A 384 -22.09 11.06 6.39
C LEU A 384 -21.89 9.66 6.91
N ILE A 385 -21.06 8.88 6.21
CA ILE A 385 -20.56 7.60 6.69
C ILE A 385 -19.16 7.85 7.22
N LEU A 386 -18.93 7.55 8.49
CA LEU A 386 -17.62 7.71 9.11
C LEU A 386 -17.09 6.34 9.48
N CYS A 387 -15.85 6.07 9.10
CA CYS A 387 -15.20 4.80 9.40
C CYS A 387 -14.10 5.05 10.41
N TYR A 388 -14.17 4.36 11.53
CA TYR A 388 -13.19 4.49 12.60
C TYR A 388 -12.40 3.20 12.73
N LEU A 389 -11.20 3.33 13.29
CA LEU A 389 -10.38 2.19 13.69
C LEU A 389 -10.28 2.21 15.21
N LYS A 390 -10.85 1.20 15.85
CA LYS A 390 -10.86 1.06 17.30
C LYS A 390 -10.13 -0.24 17.65
N ASP A 391 -8.99 -0.11 18.32
CA ASP A 391 -8.10 -1.23 18.61
C ASP A 391 -7.90 -2.14 17.40
N VAL A 392 -7.58 -1.49 16.27
CA VAL A 392 -7.18 -2.15 15.03
C VAL A 392 -8.34 -2.93 14.40
N LYS A 393 -9.57 -2.52 14.67
CA LYS A 393 -10.76 -3.08 14.04
C LYS A 393 -11.66 -1.93 13.59
N ASN A 394 -12.33 -2.12 12.45
CA ASN A 394 -13.14 -1.04 11.88
C ASN A 394 -14.55 -1.01 12.45
N GLU A 395 -15.07 0.21 12.58
CA GLU A 395 -16.45 0.48 12.94
C GLU A 395 -17.00 1.54 11.99
N LEU A 396 -18.30 1.47 11.72
CA LEU A 396 -18.96 2.39 10.80
C LEU A 396 -20.10 3.09 11.51
N TYR A 397 -20.22 4.39 11.29
CA TYR A 397 -21.28 5.20 11.90
C TYR A 397 -21.89 6.11 10.85
N VAL A 398 -23.17 6.42 11.04
CA VAL A 398 -23.88 7.41 10.24
C VAL A 398 -24.00 8.69 11.05
N HIS A 399 -23.58 9.81 10.46
CA HIS A 399 -23.70 11.13 11.05
C HIS A 399 -24.50 12.03 10.12
N GLY A 400 -25.10 13.08 10.69
CA GLY A 400 -25.74 14.09 9.88
C GLY A 400 -24.75 15.16 9.44
N LEU A 401 -24.87 15.58 8.18
CA LEU A 401 -23.94 16.59 7.66
C LEU A 401 -24.21 17.96 8.26
N SER A 402 -25.48 18.28 8.55
CA SER A 402 -25.81 19.63 9.02
C SER A 402 -25.22 19.87 10.41
N SER A 403 -25.38 18.91 11.32
CA SER A 403 -24.96 19.08 12.70
C SER A 403 -23.71 18.30 13.07
N GLY A 404 -23.32 17.32 12.27
CA GLY A 404 -22.24 16.43 12.64
C GLY A 404 -22.60 15.38 13.66
N SER A 405 -23.85 15.37 14.15
CA SER A 405 -24.21 14.48 15.24
C SER A 405 -24.31 13.03 14.75
N ARG A 406 -23.96 12.11 15.64
CA ARG A 406 -24.01 10.69 15.32
C ARG A 406 -25.46 10.21 15.39
N MET A 407 -25.88 9.47 14.36
CA MET A 407 -27.23 8.95 14.28
C MET A 407 -27.32 7.45 14.53
N SER A 408 -26.34 6.68 14.07
CA SER A 408 -26.45 5.22 14.16
C SER A 408 -25.08 4.60 13.96
N GLN A 409 -24.97 3.34 14.37
CA GLN A 409 -23.82 2.51 14.05
C GLN A 409 -24.26 1.41 13.09
N LEU A 410 -23.43 1.15 12.09
CA LEU A 410 -23.68 0.03 11.18
C LEU A 410 -22.91 -1.18 11.69
N PRO A 411 -23.59 -2.27 12.06
CA PRO A 411 -22.91 -3.38 12.74
C PRO A 411 -21.93 -4.10 11.83
N LEU A 412 -20.80 -4.51 12.41
CA LEU A 412 -19.79 -5.28 11.70
C LEU A 412 -19.23 -6.35 12.63
N GLU A 413 -18.77 -7.45 12.04
CA GLU A 413 -17.93 -8.40 12.75
C GLU A 413 -16.54 -7.79 12.96
N VAL A 414 -15.64 -8.53 13.60
CA VAL A 414 -14.28 -8.06 13.79
C VAL A 414 -13.53 -8.15 12.47
N GLY A 415 -13.10 -7.02 11.95
CA GLY A 415 -12.38 -7.04 10.69
C GLY A 415 -12.18 -5.65 10.13
N SER A 416 -12.05 -5.59 8.80
CA SER A 416 -11.73 -4.35 8.09
C SER A 416 -12.80 -4.05 7.06
N VAL A 417 -13.01 -2.75 6.83
CA VAL A 417 -13.82 -2.27 5.72
C VAL A 417 -12.85 -1.94 4.59
N VAL A 418 -12.95 -2.69 3.49
CA VAL A 418 -11.99 -2.58 2.39
C VAL A 418 -12.60 -2.04 1.12
N GLY A 419 -13.91 -1.84 1.07
CA GLY A 419 -14.55 -1.27 -0.10
C GLY A 419 -15.75 -0.46 0.33
N TYR A 420 -16.05 0.58 -0.46
CA TYR A 420 -17.19 1.44 -0.18
C TYR A 420 -17.65 2.06 -1.48
N SER A 421 -18.97 2.21 -1.61
N SER A 421 -18.96 2.06 -1.69
CA SER A 421 -19.57 3.00 -2.68
CA SER A 421 -19.52 2.64 -2.90
C SER A 421 -20.78 3.73 -2.11
C SER A 421 -20.74 3.46 -2.51
N GLY A 422 -20.93 5.01 -2.46
N GLY A 422 -20.76 4.71 -2.95
CA GLY A 422 -22.06 5.80 -2.01
CA GLY A 422 -21.83 5.62 -2.60
C GLY A 422 -21.92 7.29 -2.21
C GLY A 422 -21.50 7.00 -3.10
N LYS A 423 -22.53 7.83 -3.28
CA LYS A 423 -22.34 9.21 -3.70
C LYS A 423 -23.36 10.11 -3.03
N LYS A 424 -22.99 11.38 -2.92
CA LYS A 424 -23.90 12.38 -2.36
C LYS A 424 -25.24 12.41 -3.09
N LYS A 425 -25.23 12.17 -4.40
CA LYS A 425 -26.43 12.26 -5.21
C LYS A 425 -27.29 11.00 -5.17
N TYR A 426 -26.83 9.92 -4.54
CA TYR A 426 -27.56 8.66 -4.50
C TYR A 426 -28.00 8.33 -3.08
N ASP A 427 -28.88 7.35 -2.95
CA ASP A 427 -29.61 7.12 -1.71
C ASP A 427 -29.30 5.80 -1.03
N GLU A 428 -28.23 5.12 -1.42
CA GLU A 428 -27.85 3.87 -0.77
C GLU A 428 -26.35 3.71 -0.86
N ILE A 429 -25.80 2.95 0.08
CA ILE A 429 -24.37 2.64 0.09
C ILE A 429 -24.18 1.14 -0.02
N PHE A 430 -23.00 0.77 -0.50
CA PHE A 430 -22.49 -0.58 -0.39
C PHE A 430 -21.14 -0.51 0.30
N TYR A 431 -20.80 -1.55 1.05
CA TYR A 431 -19.46 -1.60 1.63
C TYR A 431 -19.05 -3.06 1.76
N GLN A 432 -17.74 -3.29 1.67
CA GLN A 432 -17.18 -4.64 1.71
C GLN A 432 -16.33 -4.81 2.97
N PHE A 433 -16.59 -5.90 3.67
CA PHE A 433 -15.92 -6.26 4.91
C PHE A 433 -15.08 -7.50 4.66
N THR A 434 -13.91 -7.57 5.31
CA THR A 434 -13.04 -8.73 5.23
C THR A 434 -12.42 -8.98 6.59
N SER A 435 -11.99 -10.22 6.83
CA SER A 435 -11.27 -10.55 8.04
C SER A 435 -10.38 -11.76 7.78
N PHE A 436 -9.69 -12.21 8.84
CA PHE A 436 -8.71 -13.27 8.67
C PHE A 436 -9.33 -14.54 8.13
N LEU A 437 -10.57 -14.84 8.53
CA LEU A 437 -11.24 -16.06 8.09
C LEU A 437 -12.48 -15.77 7.24
N THR A 438 -12.58 -14.56 6.71
CA THR A 438 -13.74 -14.14 5.92
C THR A 438 -13.23 -13.41 4.68
N PRO A 439 -13.22 -14.05 3.52
CA PRO A 439 -12.77 -13.34 2.31
C PRO A 439 -13.52 -12.05 2.05
N GLY A 440 -14.85 -12.08 2.11
CA GLY A 440 -15.60 -10.85 1.94
C GLY A 440 -17.08 -10.99 2.25
N ILE A 441 -17.65 -9.93 2.82
CA ILE A 441 -19.09 -9.75 2.89
C ILE A 441 -19.37 -8.36 2.34
N ILE A 442 -20.26 -8.28 1.35
CA ILE A 442 -20.71 -7.00 0.82
C ILE A 442 -22.08 -6.71 1.39
N TYR A 443 -22.23 -5.53 2.00
CA TYR A 443 -23.49 -5.08 2.57
C TYR A 443 -24.07 -3.96 1.71
N ARG A 444 -25.39 -3.86 1.77
CA ARG A 444 -26.13 -2.78 1.10
C ARG A 444 -26.97 -2.11 2.16
N CYS A 445 -26.98 -0.77 2.17
CA CYS A 445 -27.75 -0.06 3.19
C CYS A 445 -28.47 1.12 2.56
N ASP A 446 -29.80 1.10 2.59
CA ASP A 446 -30.57 2.25 2.15
C ASP A 446 -30.40 3.39 3.14
N MET A 447 -30.22 4.60 2.60
CA MET A 447 -29.93 5.78 3.41
C MET A 447 -31.09 6.77 3.45
N THR A 448 -32.28 6.38 3.02
CA THR A 448 -33.39 7.32 2.86
C THR A 448 -34.20 7.55 4.12
N THR A 449 -34.04 6.74 5.17
CA THR A 449 -34.83 6.91 6.38
C THR A 449 -33.91 7.11 7.59
N ASP A 450 -34.53 7.33 8.76
CA ASP A 450 -33.78 7.67 9.96
C ASP A 450 -33.31 6.45 10.75
N THR A 451 -33.54 5.24 10.25
CA THR A 451 -32.89 4.06 10.76
C THR A 451 -32.09 3.41 9.64
N TYR A 452 -31.05 2.69 10.02
CA TYR A 452 -30.09 2.15 9.06
C TYR A 452 -29.94 0.67 9.34
N THR A 453 -30.50 -0.14 8.45
CA THR A 453 -30.58 -1.60 8.62
C THR A 453 -29.88 -2.21 7.42
N PRO A 454 -28.56 -2.39 7.49
CA PRO A 454 -27.84 -2.97 6.35
C PRO A 454 -28.31 -4.38 6.06
N LYS A 455 -28.27 -4.74 4.79
CA LYS A 455 -28.63 -6.06 4.33
C LYS A 455 -27.39 -6.71 3.72
N THR A 456 -27.23 -8.00 3.95
CA THR A 456 -26.15 -8.73 3.30
C THR A 456 -26.47 -8.87 1.82
N PHE A 457 -25.56 -8.39 0.98
CA PHE A 457 -25.71 -8.40 -0.47
C PHE A 457 -24.98 -9.57 -1.11
N ARG A 458 -23.76 -9.85 -0.67
CA ARG A 458 -22.98 -10.97 -1.18
C ARG A 458 -22.12 -11.52 -0.05
N GLU A 459 -21.94 -12.84 -0.06
CA GLU A 459 -20.99 -13.50 0.81
C GLU A 459 -19.95 -14.18 -0.05
N ILE A 460 -18.69 -13.88 0.20
CA ILE A 460 -17.56 -14.43 -0.54
C ILE A 460 -16.83 -15.37 0.40
N LYS A 461 -16.85 -16.68 0.10
CA LYS A 461 -16.26 -17.69 0.96
C LYS A 461 -15.36 -18.61 0.17
N VAL A 462 -14.35 -19.15 0.86
CA VAL A 462 -13.56 -20.24 0.30
C VAL A 462 -14.43 -21.47 0.14
N LYS A 463 -14.26 -22.17 -0.98
CA LYS A 463 -15.04 -23.37 -1.24
C LYS A 463 -14.47 -24.54 -0.45
N ASP A 464 -15.34 -25.26 0.27
CA ASP A 464 -14.97 -26.47 0.99
C ASP A 464 -13.77 -26.25 1.92
N PHE A 465 -13.94 -25.30 2.83
CA PHE A 465 -12.95 -25.03 3.88
C PHE A 465 -13.69 -24.67 5.14
N ASP A 466 -13.45 -25.42 6.21
CA ASP A 466 -14.13 -25.20 7.49
C ASP A 466 -13.28 -24.20 8.28
N THR A 467 -13.67 -22.92 8.18
CA THR A 467 -12.95 -21.89 8.92
C THR A 467 -13.19 -21.97 10.42
N SER A 468 -14.22 -22.71 10.86
CA SER A 468 -14.51 -22.83 12.28
C SER A 468 -13.45 -23.60 13.04
N GLN A 469 -12.51 -24.25 12.36
CA GLN A 469 -11.41 -24.92 13.03
C GLN A 469 -10.34 -23.95 13.51
N PHE A 470 -10.43 -22.68 13.14
CA PHE A 470 -9.41 -21.69 13.42
C PHE A 470 -10.02 -20.49 14.13
N GLU A 471 -9.17 -19.68 14.75
CA GLU A 471 -9.63 -18.54 15.51
C GLU A 471 -8.53 -17.48 15.54
N THR A 472 -8.92 -16.27 15.91
CA THR A 472 -8.01 -15.14 16.02
C THR A 472 -8.10 -14.56 17.42
N GLU A 473 -6.96 -14.32 18.03
CA GLU A 473 -6.89 -13.63 19.30
C GLU A 473 -6.18 -12.30 19.10
N GLN A 474 -6.52 -11.33 19.93
CA GLN A 474 -5.78 -10.08 20.02
C GLN A 474 -5.12 -9.98 21.38
N VAL A 475 -3.82 -9.80 21.39
CA VAL A 475 -3.06 -9.62 22.61
C VAL A 475 -2.39 -8.25 22.57
N PHE A 476 -1.92 -7.80 23.73
CA PHE A 476 -1.17 -6.56 23.84
C PHE A 476 0.10 -6.87 24.61
N PHE A 477 1.25 -6.73 23.95
CA PHE A 477 2.53 -7.10 24.53
C PHE A 477 3.36 -5.87 24.85
N PRO A 478 4.17 -5.90 25.90
CA PRO A 478 4.97 -4.72 26.26
C PRO A 478 6.22 -4.62 25.39
N SER A 479 6.47 -3.42 24.87
CA SER A 479 7.72 -3.14 24.19
C SER A 479 8.77 -2.72 25.22
N LYS A 480 9.98 -2.45 24.72
CA LYS A 480 11.11 -2.12 25.58
C LYS A 480 10.79 -0.93 26.50
N ASP A 481 10.13 0.10 25.95
CA ASP A 481 9.87 1.30 26.74
C ASP A 481 8.63 1.19 27.62
N GLY A 482 7.93 0.06 27.58
CA GLY A 482 6.72 -0.12 28.37
C GLY A 482 5.43 0.01 27.59
N THR A 483 5.47 0.51 26.36
CA THR A 483 4.26 0.70 25.58
C THR A 483 3.65 -0.66 25.24
N LYS A 484 2.33 -0.77 25.39
CA LYS A 484 1.61 -1.98 24.99
C LYS A 484 1.31 -1.93 23.50
N ILE A 485 1.68 -2.98 22.79
CA ILE A 485 1.56 -3.07 21.33
C ILE A 485 0.52 -4.13 21.00
N PRO A 486 -0.45 -3.85 20.13
CA PRO A 486 -1.41 -4.90 19.75
C PRO A 486 -0.76 -5.93 18.83
N MET A 487 -1.25 -7.17 18.94
CA MET A 487 -0.86 -8.22 18.00
C MET A 487 -2.03 -9.17 17.80
N PHE A 488 -2.33 -9.47 16.54
CA PHE A 488 -3.29 -10.53 16.20
C PHE A 488 -2.53 -11.83 16.04
N ILE A 489 -3.12 -12.92 16.53
CA ILE A 489 -2.56 -14.26 16.40
C ILE A 489 -3.67 -15.16 15.87
N VAL A 490 -3.48 -15.68 14.65
CA VAL A 490 -4.44 -16.57 14.01
C VAL A 490 -3.90 -17.98 14.09
N HIS A 491 -4.71 -18.93 14.56
CA HIS A 491 -4.22 -20.28 14.80
C HIS A 491 -5.37 -21.26 14.83
N ARG A 492 -5.01 -22.54 14.85
CA ARG A 492 -6.00 -23.60 14.99
C ARG A 492 -6.54 -23.63 16.42
N LYS A 493 -7.84 -23.86 16.55
CA LYS A 493 -8.43 -23.99 17.88
C LYS A 493 -7.84 -25.19 18.60
N GLY A 494 -7.73 -25.07 19.92
CA GLY A 494 -7.17 -26.14 20.74
C GLY A 494 -5.67 -26.18 20.80
N LEU A 495 -5.00 -25.18 20.23
CA LEU A 495 -3.54 -25.13 20.28
C LEU A 495 -3.07 -25.09 21.73
N VAL A 496 -2.02 -25.84 22.03
CA VAL A 496 -1.38 -25.79 23.34
C VAL A 496 -0.04 -25.07 23.21
N HIS A 497 0.33 -24.36 24.28
CA HIS A 497 1.50 -23.50 24.25
C HIS A 497 2.70 -24.30 24.74
N ASP A 498 3.26 -25.09 23.82
CA ASP A 498 4.40 -25.95 24.10
C ASP A 498 5.65 -25.54 23.33
N GLY A 499 5.65 -24.37 22.69
CA GLY A 499 6.80 -23.87 21.97
C GLY A 499 7.06 -24.53 20.64
N SER A 500 6.17 -25.40 20.15
CA SER A 500 6.46 -26.25 19.01
C SER A 500 5.98 -25.69 17.68
N HIS A 501 5.25 -24.57 17.69
CA HIS A 501 4.55 -24.22 16.46
C HIS A 501 5.37 -23.23 15.63
N PRO A 502 5.47 -23.47 14.32
CA PRO A 502 6.12 -22.48 13.46
C PRO A 502 5.24 -21.25 13.34
N VAL A 503 5.88 -20.08 13.35
CA VAL A 503 5.18 -18.81 13.34
C VAL A 503 5.60 -18.03 12.09
N MET A 504 4.62 -17.41 11.45
CA MET A 504 4.86 -16.36 10.47
C MET A 504 4.50 -15.05 11.16
N LEU A 505 5.49 -14.20 11.40
CA LEU A 505 5.32 -12.95 12.13
C LEU A 505 5.49 -11.79 11.16
N TYR A 506 4.41 -11.05 10.93
CA TYR A 506 4.35 -10.01 9.93
C TYR A 506 4.34 -8.64 10.58
N GLY A 507 5.05 -7.69 9.97
CA GLY A 507 5.01 -6.31 10.42
C GLY A 507 5.30 -5.37 9.27
N TYR A 508 4.93 -4.11 9.48
CA TYR A 508 5.27 -3.04 8.54
C TYR A 508 5.96 -1.93 9.32
N GLY A 509 5.18 -1.10 10.01
CA GLY A 509 5.74 -0.15 10.95
C GLY A 509 6.20 1.14 10.33
N GLY A 510 5.27 1.91 9.78
CA GLY A 510 5.64 3.19 9.20
C GLY A 510 4.52 3.80 8.40
N PHE A 511 4.72 5.06 8.06
CA PHE A 511 3.96 5.76 7.03
C PHE A 511 2.48 5.88 7.34
N ASN A 512 2.13 5.83 8.62
CA ASN A 512 0.75 5.99 9.06
C ASN A 512 -0.16 4.89 8.53
N ILE A 513 0.42 3.75 8.15
CA ILE A 513 -0.34 2.65 7.57
C ILE A 513 -0.70 1.69 8.70
N SER A 514 -2.00 1.42 8.86
CA SER A 514 -2.46 0.47 9.86
C SER A 514 -2.61 -0.90 9.22
N ILE A 515 -2.17 -1.93 9.93
CA ILE A 515 -2.23 -3.30 9.43
C ILE A 515 -3.43 -3.95 10.08
N THR A 516 -4.55 -3.92 9.39
CA THR A 516 -5.83 -4.35 9.92
C THR A 516 -6.19 -5.73 9.36
N PRO A 517 -7.18 -6.42 9.94
CA PRO A 517 -7.45 -7.79 9.51
C PRO A 517 -7.85 -7.87 8.04
N SER A 518 -7.35 -8.90 7.37
CA SER A 518 -7.69 -9.13 5.97
C SER A 518 -7.50 -10.60 5.67
N PHE A 519 -8.05 -11.03 4.53
CA PHE A 519 -8.05 -12.44 4.17
C PHE A 519 -6.88 -12.79 3.28
N SER A 520 -6.21 -13.89 3.60
CA SER A 520 -5.08 -14.39 2.82
C SER A 520 -5.29 -15.88 2.58
N PRO A 521 -5.37 -16.31 1.31
CA PRO A 521 -5.48 -17.76 1.06
C PRO A 521 -4.25 -18.55 1.49
N SER A 522 -3.05 -18.00 1.28
CA SER A 522 -1.85 -18.72 1.69
C SER A 522 -1.77 -18.87 3.20
N ARG A 523 -2.28 -17.89 3.94
CA ARG A 523 -2.30 -18.01 5.39
C ARG A 523 -3.14 -19.21 5.83
N LEU A 524 -4.28 -19.43 5.16
CA LEU A 524 -5.10 -20.59 5.48
C LEU A 524 -4.33 -21.89 5.23
N VAL A 525 -3.59 -21.96 4.13
CA VAL A 525 -2.83 -23.17 3.83
C VAL A 525 -1.73 -23.38 4.87
N PHE A 526 -1.07 -22.30 5.29
CA PHE A 526 -0.06 -22.38 6.34
C PHE A 526 -0.65 -22.96 7.62
N LEU A 527 -1.82 -22.44 8.02
CA LEU A 527 -2.45 -22.90 9.25
C LEU A 527 -2.99 -24.32 9.11
N GLN A 528 -3.56 -24.65 7.95
CA GLN A 528 -4.20 -25.94 7.77
C GLN A 528 -3.18 -27.07 7.59
N HIS A 529 -2.21 -26.87 6.70
CA HIS A 529 -1.35 -27.94 6.24
C HIS A 529 0.08 -27.89 6.77
N LEU A 530 0.52 -26.75 7.30
CA LEU A 530 1.90 -26.62 7.77
C LEU A 530 1.99 -26.36 9.26
N GLY A 531 0.90 -26.60 10.00
CA GLY A 531 0.89 -26.40 11.43
C GLY A 531 1.16 -24.99 11.88
N GLY A 532 0.88 -24.01 11.03
CA GLY A 532 1.36 -22.67 11.26
C GLY A 532 0.51 -21.87 12.23
N VAL A 533 1.17 -20.86 12.80
CA VAL A 533 0.55 -19.80 13.59
C VAL A 533 0.94 -18.50 12.92
N TYR A 534 -0.05 -17.66 12.63
CA TYR A 534 0.21 -16.39 11.94
C TYR A 534 0.01 -15.24 12.91
N ALA A 535 1.03 -14.39 13.05
CA ALA A 535 0.97 -13.25 13.96
C ALA A 535 1.25 -11.96 13.21
N ILE A 536 0.47 -10.92 13.52
CA ILE A 536 0.66 -9.58 12.97
C ILE A 536 0.85 -8.64 14.15
N ALA A 537 2.00 -7.98 14.19
CA ALA A 537 2.32 -7.05 15.27
C ALA A 537 2.07 -5.63 14.79
N ASN A 538 1.15 -4.92 15.46
CA ASN A 538 0.79 -3.55 15.08
C ASN A 538 1.76 -2.56 15.72
N ILE A 539 3.01 -2.67 15.27
CA ILE A 539 4.10 -1.89 15.85
C ILE A 539 3.93 -0.41 15.51
N ARG A 540 4.67 0.43 16.23
CA ARG A 540 4.57 1.86 16.02
C ARG A 540 5.14 2.25 14.66
N GLY A 541 4.92 3.50 14.29
CA GLY A 541 5.11 3.95 12.93
C GLY A 541 3.88 3.81 12.06
N GLY A 542 3.02 2.85 12.37
CA GLY A 542 1.74 2.73 11.71
C GLY A 542 0.77 3.80 12.16
N GLY A 543 -0.47 3.68 11.68
CA GLY A 543 -1.53 4.60 12.03
C GLY A 543 -2.53 4.09 13.03
N GLU A 544 -2.26 2.96 13.70
CA GLU A 544 -3.30 2.25 14.44
C GLU A 544 -3.91 3.10 15.54
N TYR A 545 -3.11 3.95 16.19
CA TYR A 545 -3.61 4.83 17.24
C TYR A 545 -3.42 6.30 16.90
N GLY A 546 -3.31 6.62 15.62
CA GLY A 546 -3.27 8.01 15.19
C GLY A 546 -1.86 8.50 14.97
N GLU A 547 -1.76 9.83 14.82
CA GLU A 547 -0.48 10.41 14.43
C GLU A 547 0.59 10.26 15.51
N SER A 548 0.20 10.14 16.79
CA SER A 548 1.21 9.91 17.80
C SER A 548 1.80 8.49 17.70
N TRP A 549 1.02 7.53 17.25
CA TRP A 549 1.53 6.18 16.99
C TRP A 549 2.51 6.21 15.83
N HIS A 550 2.18 6.99 14.80
CA HIS A 550 3.05 7.15 13.64
C HIS A 550 4.36 7.82 14.03
N LYS A 551 4.29 8.96 14.73
CA LYS A 551 5.50 9.69 15.06
C LYS A 551 6.37 8.95 16.06
N ALA A 552 5.77 8.09 16.91
CA ALA A 552 6.56 7.29 17.82
C ALA A 552 7.39 6.24 17.10
N GLY A 553 7.19 6.08 15.79
CA GLY A 553 7.96 5.14 15.02
C GLY A 553 8.52 5.69 13.73
N ASN A 554 8.89 6.98 13.70
CA ASN A 554 9.52 7.54 12.51
C ASN A 554 10.61 8.51 12.91
N CYS A 555 11.40 8.91 11.90
CA CYS A 555 12.48 9.89 12.05
C CYS A 555 13.43 9.39 13.14
N ALA A 556 13.73 10.19 14.17
CA ALA A 556 14.66 9.75 15.20
C ALA A 556 14.13 8.58 16.02
N ASN A 557 12.82 8.32 15.97
CA ASN A 557 12.19 7.25 16.71
C ASN A 557 12.06 5.96 15.92
N LYS A 558 12.72 5.86 14.75
CA LYS A 558 12.52 4.68 13.91
C LYS A 558 12.93 3.40 14.62
N GLN A 559 13.97 3.46 15.46
CA GLN A 559 14.40 2.27 16.19
C GLN A 559 13.28 1.68 17.06
N ASN A 560 12.33 2.52 17.50
CA ASN A 560 11.19 1.99 18.27
C ASN A 560 10.44 0.92 17.48
N VAL A 561 10.35 1.10 16.16
CA VAL A 561 9.64 0.11 15.33
C VAL A 561 10.31 -1.25 15.43
N PHE A 562 11.63 -1.26 15.30
CA PHE A 562 12.38 -2.51 15.36
C PHE A 562 12.34 -3.11 16.76
N ASP A 563 12.42 -2.25 17.79
CA ASP A 563 12.25 -2.73 19.16
C ASP A 563 10.89 -3.38 19.36
N ASP A 564 9.83 -2.76 18.84
CA ASP A 564 8.49 -3.32 18.97
C ASP A 564 8.40 -4.70 18.33
N PHE A 565 8.96 -4.83 17.12
CA PHE A 565 8.86 -6.09 16.39
C PHE A 565 9.69 -7.19 17.06
N GLN A 566 10.89 -6.84 17.53
CA GLN A 566 11.68 -7.80 18.30
C GLN A 566 10.95 -8.22 19.57
N SER A 567 10.28 -7.26 20.24
CA SER A 567 9.51 -7.59 21.42
C SER A 567 8.34 -8.50 21.10
N ALA A 568 7.76 -8.38 19.90
CA ALA A 568 6.70 -9.29 19.49
C ALA A 568 7.21 -10.72 19.42
N ALA A 569 8.38 -10.92 18.82
CA ALA A 569 8.96 -12.26 18.76
C ALA A 569 9.27 -12.77 20.15
N GLN A 570 9.83 -11.92 21.02
CA GLN A 570 10.10 -12.33 22.39
C GLN A 570 8.84 -12.76 23.10
N TYR A 571 7.74 -12.02 22.89
CA TYR A 571 6.47 -12.39 23.51
C TYR A 571 6.00 -13.76 23.07
N LEU A 572 6.08 -14.05 21.77
CA LEU A 572 5.62 -15.34 21.27
C LEU A 572 6.48 -16.47 21.83
N ILE A 573 7.78 -16.23 22.02
CA ILE A 573 8.66 -17.24 22.61
C ILE A 573 8.36 -17.41 24.09
N GLU A 574 8.25 -16.30 24.82
CA GLU A 574 8.06 -16.34 26.27
C GLU A 574 6.76 -17.04 26.63
N ASN A 575 5.72 -16.81 25.84
CA ASN A 575 4.42 -17.44 26.08
C ASN A 575 4.28 -18.78 25.38
N LYS A 576 5.37 -19.31 24.83
CA LYS A 576 5.45 -20.69 24.35
C LYS A 576 4.52 -20.95 23.18
N TRP A 577 4.25 -19.93 22.37
CA TRP A 577 3.66 -20.19 21.06
C TRP A 577 4.65 -20.90 20.16
N THR A 578 5.94 -20.64 20.33
CA THR A 578 6.95 -21.00 19.35
C THR A 578 8.32 -20.93 20.03
N SER A 579 9.36 -21.16 19.24
CA SER A 579 10.73 -20.90 19.65
C SER A 579 11.40 -20.12 18.53
N ALA A 580 12.52 -19.47 18.86
CA ALA A 580 13.20 -18.60 17.91
C ALA A 580 13.50 -19.31 16.59
N LYS A 581 13.98 -20.56 16.67
CA LYS A 581 14.35 -21.30 15.47
C LYS A 581 13.16 -21.56 14.55
N ARG A 582 11.93 -21.44 15.05
CA ARG A 582 10.72 -21.71 14.30
C ARG A 582 10.01 -20.44 13.85
N ILE A 583 10.57 -19.25 14.09
CA ILE A 583 9.94 -17.99 13.71
C ILE A 583 10.45 -17.59 12.33
N THR A 584 9.53 -17.32 11.42
CA THR A 584 9.82 -16.61 10.18
C THR A 584 9.23 -15.21 10.30
N ILE A 585 10.05 -14.20 10.03
CA ILE A 585 9.54 -12.83 9.95
C ILE A 585 9.37 -12.45 8.50
N ASN A 586 8.35 -11.64 8.22
CA ASN A 586 8.04 -11.24 6.86
C ASN A 586 7.55 -9.80 6.87
N GLY A 587 8.01 -9.04 5.89
CA GLY A 587 7.51 -7.70 5.66
C GLY A 587 7.85 -7.28 4.25
N GLY A 588 7.13 -6.28 3.77
CA GLY A 588 7.35 -5.77 2.43
C GLY A 588 7.54 -4.27 2.44
N SER A 589 8.39 -3.80 1.53
CA SER A 589 8.63 -2.37 1.34
C SER A 589 9.28 -1.77 2.59
N ASN A 590 8.62 -0.83 3.25
CA ASN A 590 9.10 -0.41 4.56
C ASN A 590 9.15 -1.57 5.54
N GLY A 591 8.30 -2.59 5.34
CA GLY A 591 8.41 -3.82 6.11
C GLY A 591 9.58 -4.69 5.72
N GLY A 592 10.12 -4.51 4.52
CA GLY A 592 11.37 -5.16 4.19
C GLY A 592 12.54 -4.55 4.93
N LEU A 593 12.52 -3.22 5.11
CA LEU A 593 13.47 -2.58 5.99
C LEU A 593 13.37 -3.14 7.40
N LEU A 594 12.15 -3.31 7.90
CA LEU A 594 11.93 -3.93 9.20
C LEU A 594 12.66 -5.26 9.31
N VAL A 595 12.49 -6.12 8.31
CA VAL A 595 13.14 -7.43 8.34
C VAL A 595 14.65 -7.29 8.31
N GLY A 596 15.17 -6.43 7.43
CA GLY A 596 16.61 -6.27 7.33
C GLY A 596 17.24 -5.77 8.62
N ALA A 597 16.63 -4.77 9.24
CA ALA A 597 17.16 -4.25 10.50
C ALA A 597 17.08 -5.31 11.61
N CYS A 598 16.00 -6.09 11.63
CA CYS A 598 15.83 -7.04 12.72
C CYS A 598 16.79 -8.22 12.61
N ILE A 599 17.10 -8.67 11.39
CA ILE A 599 18.06 -9.77 11.27
C ILE A 599 19.47 -9.30 11.65
N ASN A 600 19.80 -8.04 11.39
CA ASN A 600 21.10 -7.51 11.81
C ASN A 600 21.15 -7.37 13.34
N GLN A 601 20.04 -6.93 13.94
CA GLN A 601 20.09 -6.55 15.35
C GLN A 601 19.87 -7.75 16.28
N ARG A 602 19.01 -8.69 15.89
CA ARG A 602 18.71 -9.85 16.72
C ARG A 602 18.60 -11.10 15.84
N PRO A 603 19.70 -11.51 15.20
CA PRO A 603 19.65 -12.75 14.41
C PRO A 603 19.22 -13.95 15.24
N ASP A 604 19.47 -13.92 16.55
CA ASP A 604 19.16 -15.03 17.44
C ASP A 604 17.65 -15.23 17.64
N LEU A 605 16.83 -14.25 17.28
CA LEU A 605 15.39 -14.33 17.54
C LEU A 605 14.61 -15.01 16.42
N PHE A 606 15.24 -15.31 15.29
CA PHE A 606 14.52 -15.75 14.11
C PHE A 606 15.21 -16.92 13.45
N GLY A 607 14.43 -17.76 12.79
CA GLY A 607 14.99 -18.86 12.03
C GLY A 607 14.98 -18.59 10.54
N CYS A 608 14.05 -17.75 10.09
CA CYS A 608 13.88 -17.44 8.68
C CYS A 608 13.37 -16.01 8.55
N ALA A 609 13.69 -15.38 7.43
CA ALA A 609 13.31 -13.99 7.19
C ALA A 609 13.03 -13.83 5.70
N VAL A 610 11.88 -13.24 5.38
CA VAL A 610 11.48 -13.01 4.00
C VAL A 610 11.20 -11.52 3.85
N ALA A 611 12.07 -10.82 3.12
CA ALA A 611 11.94 -9.39 2.93
C ALA A 611 11.56 -9.14 1.47
N GLN A 612 10.36 -8.62 1.26
CA GLN A 612 9.86 -8.33 -0.07
C GLN A 612 10.05 -6.85 -0.39
N VAL A 613 10.54 -6.58 -1.60
CA VAL A 613 10.66 -5.23 -2.16
C VAL A 613 11.13 -4.21 -1.13
N GLY A 614 12.19 -4.54 -0.40
CA GLY A 614 12.57 -3.78 0.78
C GLY A 614 13.49 -2.61 0.50
N VAL A 615 13.33 -1.56 1.31
CA VAL A 615 14.30 -0.47 1.35
C VAL A 615 15.41 -0.87 2.29
N LEU A 616 16.63 -0.93 1.77
CA LEU A 616 17.76 -1.48 2.52
C LEU A 616 19.00 -0.62 2.54
N ASP A 617 19.19 0.27 1.56
CA ASP A 617 20.24 1.29 1.63
C ASP A 617 19.58 2.57 2.13
N MET A 618 19.66 2.81 3.43
CA MET A 618 19.01 3.96 4.03
C MET A 618 19.81 5.23 3.87
N LEU A 619 21.03 5.16 3.33
CA LEU A 619 21.81 6.35 3.05
C LEU A 619 21.54 6.92 1.66
N ARG A 620 20.98 6.12 0.75
CA ARG A 620 20.80 6.57 -0.63
C ARG A 620 19.37 6.42 -1.16
N PHE A 621 18.42 5.98 -0.33
CA PHE A 621 17.06 5.74 -0.82
C PHE A 621 16.47 6.98 -1.50
N HIS A 622 16.84 8.18 -1.02
CA HIS A 622 16.23 9.41 -1.50
C HIS A 622 16.77 9.85 -2.86
N LYS A 623 17.73 9.12 -3.42
CA LYS A 623 18.34 9.52 -4.67
C LYS A 623 17.65 8.92 -5.89
N PHE A 624 16.63 8.08 -5.70
CA PHE A 624 16.05 7.31 -6.79
C PHE A 624 14.53 7.48 -6.80
N THR A 625 13.97 7.45 -8.01
CA THR A 625 12.54 7.58 -8.29
C THR A 625 11.81 8.47 -7.30
N ILE A 626 10.91 7.89 -6.50
CA ILE A 626 10.08 8.67 -5.59
C ILE A 626 10.59 8.61 -4.14
N GLY A 627 11.81 8.09 -3.95
CA GLY A 627 12.31 7.91 -2.59
C GLY A 627 12.44 9.19 -1.78
N HIS A 628 12.60 10.33 -2.45
CA HIS A 628 12.67 11.61 -1.73
C HIS A 628 11.43 11.84 -0.88
N ALA A 629 10.30 11.26 -1.26
CA ALA A 629 9.07 11.43 -0.50
C ALA A 629 9.12 10.77 0.87
N TRP A 630 10.02 9.82 1.08
CA TRP A 630 10.05 9.06 2.33
C TRP A 630 10.87 9.73 3.42
N THR A 631 11.50 10.87 3.14
CA THR A 631 12.30 11.53 4.17
C THR A 631 11.45 12.01 5.35
N THR A 632 10.13 12.12 5.17
CA THR A 632 9.25 12.47 6.29
C THR A 632 9.13 11.35 7.31
N ASP A 633 9.43 10.10 6.93
CA ASP A 633 9.53 9.00 7.90
C ASP A 633 10.95 8.62 8.25
N TYR A 634 11.90 8.81 7.35
CA TYR A 634 13.25 8.32 7.55
C TYR A 634 14.27 9.40 7.86
N GLY A 635 13.96 10.67 7.58
CA GLY A 635 15.01 11.65 7.50
C GLY A 635 15.81 11.41 6.23
N SER A 636 16.96 12.08 6.15
CA SER A 636 17.81 11.97 4.98
C SER A 636 19.28 12.02 5.39
N SER A 637 20.09 11.18 4.76
CA SER A 637 21.53 11.23 5.04
C SER A 637 22.17 12.56 4.65
N ASP A 638 21.47 13.40 3.88
CA ASP A 638 21.96 14.74 3.58
C ASP A 638 22.00 15.63 4.82
N SER A 639 21.29 15.26 5.89
CA SER A 639 21.29 16.01 7.13
C SER A 639 22.22 15.36 8.14
N THR A 640 23.03 16.17 8.82
CA THR A 640 23.98 15.63 9.79
C THR A 640 23.25 14.88 10.91
N ASP A 641 22.21 15.50 11.48
CA ASP A 641 21.48 14.83 12.56
C ASP A 641 20.79 13.57 12.07
N ASP A 642 20.15 13.62 10.90
CA ASP A 642 19.47 12.45 10.37
C ASP A 642 20.46 11.33 10.06
N PHE A 643 21.64 11.69 9.57
CA PHE A 643 22.63 10.66 9.25
C PHE A 643 23.02 9.86 10.49
N LYS A 644 23.19 10.54 11.61
CA LYS A 644 23.55 9.85 12.85
C LYS A 644 22.50 8.82 13.23
N VAL A 645 21.23 9.10 12.93
CA VAL A 645 20.16 8.14 13.19
C VAL A 645 20.22 7.00 12.17
N LEU A 646 20.32 7.34 10.89
CA LEU A 646 20.20 6.34 9.82
C LEU A 646 21.35 5.36 9.84
N ILE A 647 22.57 5.84 10.09
CA ILE A 647 23.74 4.96 10.04
C ILE A 647 23.66 3.83 11.04
N LYS A 648 22.90 4.00 12.13
CA LYS A 648 22.80 2.98 13.16
C LYS A 648 21.96 1.79 12.73
N TYR A 649 21.04 1.97 11.78
CA TYR A 649 20.13 0.89 11.40
C TYR A 649 20.07 0.57 9.92
N SER A 650 20.66 1.39 9.03
CA SER A 650 20.65 1.11 7.60
C SER A 650 21.10 -0.32 7.36
N PRO A 651 20.23 -1.21 6.86
CA PRO A 651 20.61 -2.63 6.82
C PRO A 651 21.85 -2.91 6.00
N LEU A 652 22.04 -2.23 4.87
CA LEU A 652 23.21 -2.47 4.03
C LEU A 652 24.51 -2.19 4.78
N HIS A 653 24.46 -1.28 5.75
CA HIS A 653 25.66 -0.82 6.44
C HIS A 653 25.81 -1.42 7.83
N ASN A 654 25.00 -2.43 8.18
CA ASN A 654 25.02 -2.98 9.53
C ASN A 654 25.02 -4.50 9.54
N ILE A 655 25.52 -5.12 8.47
CA ILE A 655 25.67 -6.57 8.44
C ILE A 655 26.94 -6.95 9.21
N ARG A 656 26.77 -7.72 10.28
CA ARG A 656 27.90 -8.14 11.11
C ARG A 656 27.64 -9.55 11.64
N GLU A 657 28.65 -10.42 11.54
CA GLU A 657 28.50 -11.77 12.07
C GLU A 657 28.46 -11.72 13.60
N GLN A 658 27.59 -12.54 14.18
CA GLN A 658 27.37 -12.60 15.61
C GLN A 658 27.61 -14.03 16.12
N LYS A 659 27.49 -14.21 17.43
CA LYS A 659 27.64 -15.54 18.01
C LYS A 659 26.55 -16.48 17.53
N ASP A 660 25.36 -15.95 17.24
CA ASP A 660 24.28 -16.72 16.63
C ASP A 660 24.24 -16.39 15.15
N GLN A 661 24.04 -17.42 14.33
CA GLN A 661 24.06 -17.20 12.89
C GLN A 661 22.82 -16.43 12.45
N TYR A 662 22.93 -15.80 11.28
CA TYR A 662 21.79 -15.10 10.73
C TYR A 662 20.72 -16.12 10.33
N PRO A 663 19.44 -15.75 10.44
CA PRO A 663 18.39 -16.63 9.93
C PRO A 663 18.52 -16.79 8.42
N ALA A 664 17.92 -17.85 7.90
CA ALA A 664 17.79 -17.97 6.47
C ALA A 664 17.06 -16.74 5.93
N LEU A 665 17.49 -16.26 4.77
CA LEU A 665 16.98 -15.01 4.22
C LEU A 665 16.61 -15.21 2.76
N LEU A 666 15.39 -14.77 2.41
CA LEU A 666 14.97 -14.71 1.02
C LEU A 666 14.52 -13.27 0.74
N LEU A 667 15.21 -12.61 -0.19
CA LEU A 667 14.79 -11.31 -0.69
C LEU A 667 14.01 -11.52 -1.98
N LEU A 668 12.90 -10.80 -2.11
CA LEU A 668 12.06 -10.87 -3.30
C LEU A 668 11.90 -9.47 -3.86
N THR A 669 12.21 -9.30 -5.14
CA THR A 669 11.96 -8.04 -5.81
C THR A 669 11.64 -8.31 -7.28
N GLY A 670 11.28 -7.26 -8.00
CA GLY A 670 11.00 -7.35 -9.41
C GLY A 670 11.79 -6.30 -10.16
N ASP A 671 12.12 -6.62 -11.41
CA ASP A 671 12.97 -5.71 -12.18
C ASP A 671 12.26 -4.44 -12.62
N HIS A 672 10.94 -4.35 -12.43
CA HIS A 672 10.21 -3.13 -12.68
C HIS A 672 9.68 -2.49 -11.41
N ASP A 673 10.28 -2.78 -10.26
CA ASP A 673 9.87 -2.11 -9.03
C ASP A 673 10.52 -0.73 -9.01
N ASP A 674 9.82 0.24 -9.61
CA ASP A 674 10.29 1.61 -9.58
C ASP A 674 9.77 2.38 -8.37
N ARG A 675 9.06 1.72 -7.46
CA ARG A 675 8.75 2.35 -6.18
C ARG A 675 9.95 2.25 -5.25
N VAL A 676 10.41 1.02 -5.01
CA VAL A 676 11.64 0.75 -4.27
C VAL A 676 12.59 0.09 -5.25
N VAL A 677 13.55 0.86 -5.77
CA VAL A 677 14.38 0.34 -6.86
C VAL A 677 15.10 -0.93 -6.42
N PRO A 678 15.19 -1.95 -7.26
CA PRO A 678 15.72 -3.25 -6.83
C PRO A 678 17.17 -3.24 -6.41
N LEU A 679 17.95 -2.20 -6.73
CA LEU A 679 19.31 -2.12 -6.23
C LEU A 679 19.38 -2.25 -4.71
N HIS A 680 18.32 -1.88 -3.99
CA HIS A 680 18.31 -2.07 -2.55
C HIS A 680 18.52 -3.53 -2.20
N SER A 681 17.74 -4.42 -2.81
CA SER A 681 17.90 -5.84 -2.55
C SER A 681 19.21 -6.37 -3.12
N LEU A 682 19.59 -5.90 -4.30
CA LEU A 682 20.79 -6.42 -4.96
C LEU A 682 22.04 -6.13 -4.14
N LYS A 683 22.22 -4.88 -3.69
CA LYS A 683 23.41 -4.53 -2.93
C LYS A 683 23.42 -5.23 -1.58
N PHE A 684 22.26 -5.33 -0.91
CA PHE A 684 22.21 -6.04 0.36
C PHE A 684 22.58 -7.51 0.19
N LEU A 685 22.10 -8.13 -0.90
CA LEU A 685 22.41 -9.53 -1.14
C LEU A 685 23.90 -9.72 -1.37
N ALA A 686 24.51 -8.85 -2.17
CA ALA A 686 25.95 -8.97 -2.44
C ALA A 686 26.76 -8.83 -1.15
N GLN A 687 26.41 -7.83 -0.32
CA GLN A 687 27.17 -7.59 0.89
C GLN A 687 26.98 -8.70 1.92
N ILE A 688 25.74 -9.20 2.06
CA ILE A 688 25.51 -10.25 3.05
C ILE A 688 26.17 -11.56 2.63
N GLN A 689 26.14 -11.89 1.34
CA GLN A 689 26.80 -13.11 0.89
C GLN A 689 28.31 -13.00 1.05
N TYR A 690 28.87 -11.81 0.80
CA TYR A 690 30.30 -11.62 0.99
C TYR A 690 30.66 -11.74 2.47
N THR A 691 29.84 -11.20 3.36
CA THR A 691 30.16 -11.17 4.78
C THR A 691 30.33 -12.58 5.33
N PHE A 692 29.52 -13.52 4.84
CA PHE A 692 29.50 -14.87 5.38
C PHE A 692 30.16 -15.89 4.44
N LYS A 693 30.94 -15.43 3.46
CA LYS A 693 31.51 -16.32 2.46
C LYS A 693 32.39 -17.39 3.10
N ASP A 694 33.16 -17.02 4.11
CA ASP A 694 34.12 -17.92 4.73
C ASP A 694 33.72 -18.30 6.14
N SER A 695 32.46 -18.07 6.52
CA SER A 695 32.00 -18.36 7.87
C SER A 695 31.75 -19.86 8.03
N ASP A 696 32.29 -20.43 9.11
CA ASP A 696 32.01 -21.82 9.43
C ASP A 696 30.63 -21.98 10.07
N SER A 697 30.15 -20.94 10.74
CA SER A 697 28.91 -21.03 11.50
C SER A 697 27.66 -20.72 10.69
N GLN A 698 27.79 -19.99 9.58
CA GLN A 698 26.63 -19.61 8.78
C GLN A 698 26.25 -20.77 7.87
N THR A 699 25.20 -21.51 8.25
CA THR A 699 24.68 -22.58 7.43
C THR A 699 23.36 -22.25 6.75
N ASN A 700 22.62 -21.27 7.26
CA ASN A 700 21.36 -20.90 6.66
C ASN A 700 21.60 -20.15 5.35
N PRO A 701 20.81 -20.42 4.31
CA PRO A 701 21.03 -19.77 3.02
C PRO A 701 20.60 -18.31 3.04
N LEU A 702 21.28 -17.51 2.22
CA LEU A 702 20.99 -16.07 2.06
C LEU A 702 20.80 -15.85 0.56
N MET A 703 19.55 -15.72 0.13
CA MET A 703 19.21 -15.82 -1.28
C MET A 703 18.28 -14.70 -1.71
N GLY A 704 18.19 -14.52 -3.03
CA GLY A 704 17.29 -13.54 -3.60
C GLY A 704 16.66 -14.07 -4.87
N ARG A 705 15.43 -13.62 -5.11
CA ARG A 705 14.69 -13.95 -6.32
CA ARG A 705 14.67 -13.96 -6.31
C ARG A 705 14.23 -12.65 -6.95
N ILE A 706 14.69 -12.40 -8.17
CA ILE A 706 14.37 -11.18 -8.90
C ILE A 706 13.45 -11.56 -10.06
N ASP A 707 12.18 -11.17 -9.96
CA ASP A 707 11.20 -11.50 -10.96
C ASP A 707 11.31 -10.56 -12.16
N THR A 708 10.79 -11.02 -13.30
CA THR A 708 10.69 -10.20 -14.49
C THR A 708 9.24 -9.78 -14.70
N LYS A 709 9.06 -8.63 -15.35
CA LYS A 709 7.74 -8.11 -15.69
C LYS A 709 6.85 -7.90 -14.46
N SER A 710 7.47 -7.60 -13.32
CA SER A 710 6.71 -7.25 -12.12
C SER A 710 7.46 -6.18 -11.34
N GLY A 711 6.73 -5.50 -10.47
CA GLY A 711 7.22 -4.35 -9.76
C GLY A 711 6.95 -4.44 -8.27
N HIS A 712 6.54 -3.31 -7.70
CA HIS A 712 6.41 -3.23 -6.25
C HIS A 712 5.32 -4.15 -5.71
N GLY A 713 4.24 -4.34 -6.48
CA GLY A 713 3.24 -5.29 -6.06
C GLY A 713 1.84 -4.99 -6.56
N PHE A 714 1.45 -3.72 -6.61
CA PHE A 714 0.11 -3.40 -7.04
C PHE A 714 -0.10 -3.83 -8.48
N GLY A 715 -1.19 -4.55 -8.72
CA GLY A 715 -1.50 -5.00 -10.06
C GLY A 715 -0.78 -6.25 -10.51
N LYS A 716 -0.02 -6.89 -9.63
CA LYS A 716 0.69 -8.10 -10.00
C LYS A 716 -0.33 -9.18 -10.36
N PRO A 717 -0.16 -9.90 -11.47
CA PRO A 717 -1.16 -10.89 -11.86
C PRO A 717 -1.22 -12.05 -10.87
N THR A 718 -2.43 -12.61 -10.75
CA THR A 718 -2.67 -13.72 -9.83
C THR A 718 -1.63 -14.82 -9.97
N ALA A 719 -1.27 -15.18 -11.21
CA ALA A 719 -0.32 -16.27 -11.42
C ALA A 719 1.01 -15.99 -10.74
N LYS A 720 1.50 -14.75 -10.84
CA LYS A 720 2.76 -14.38 -10.20
C LYS A 720 2.61 -14.35 -8.68
N VAL A 721 1.45 -13.90 -8.18
CA VAL A 721 1.23 -13.85 -6.74
C VAL A 721 1.28 -15.26 -6.15
N ILE A 722 0.60 -16.20 -6.79
CA ILE A 722 0.58 -17.57 -6.29
C ILE A 722 1.97 -18.19 -6.34
N GLU A 723 2.72 -17.92 -7.42
CA GLU A 723 4.08 -18.40 -7.52
C GLU A 723 4.95 -17.84 -6.39
N GLU A 724 4.78 -16.55 -6.09
CA GLU A 724 5.57 -15.93 -5.03
C GLU A 724 5.23 -16.52 -3.67
N LEU A 725 3.93 -16.69 -3.38
CA LEU A 725 3.52 -17.29 -2.13
C LEU A 725 4.04 -18.71 -2.01
N THR A 726 4.00 -19.47 -3.10
CA THR A 726 4.55 -20.81 -3.10
C THR A 726 6.04 -20.80 -2.79
N ASP A 727 6.79 -19.86 -3.39
CA ASP A 727 8.22 -19.76 -3.11
C ASP A 727 8.48 -19.39 -1.66
N ILE A 728 7.68 -18.48 -1.10
CA ILE A 728 7.88 -18.05 0.29
C ILE A 728 7.73 -19.24 1.24
N TYR A 729 6.61 -19.96 1.14
CA TYR A 729 6.41 -21.10 2.04
C TYR A 729 7.30 -22.29 1.70
N SER A 730 7.74 -22.41 0.44
CA SER A 730 8.75 -23.42 0.11
C SER A 730 10.07 -23.10 0.81
N PHE A 731 10.48 -21.83 0.78
CA PHE A 731 11.70 -21.44 1.46
C PHE A 731 11.61 -21.73 2.96
N MET A 732 10.48 -21.40 3.57
CA MET A 732 10.29 -21.69 4.99
C MET A 732 10.35 -23.20 5.24
N HIS A 733 9.66 -23.99 4.41
CA HIS A 733 9.69 -25.43 4.56
C HIS A 733 11.13 -25.95 4.53
N GLN A 734 11.96 -25.39 3.66
CA GLN A 734 13.32 -25.88 3.48
C GLN A 734 14.30 -25.33 4.53
N THR A 735 13.91 -24.35 5.34
CA THR A 735 14.84 -23.71 6.24
C THR A 735 14.46 -23.79 7.72
N VAL A 736 13.18 -23.86 8.07
CA VAL A 736 12.77 -23.97 9.46
C VAL A 736 12.08 -25.30 9.76
N GLY A 737 12.12 -26.25 8.83
CA GLY A 737 11.66 -27.60 9.11
C GLY A 737 10.16 -27.75 9.28
N LEU A 738 9.37 -27.08 8.46
CA LEU A 738 7.93 -27.27 8.47
C LEU A 738 7.58 -28.71 8.08
N LYS A 739 6.40 -29.15 8.52
CA LYS A 739 5.88 -30.47 8.19
C LYS A 739 4.53 -30.31 7.50
N TRP A 740 4.38 -30.96 6.35
CA TRP A 740 3.13 -30.92 5.60
C TRP A 740 2.21 -32.04 6.05
N SER A 741 0.96 -31.71 6.32
CA SER A 741 -0.08 -32.68 6.65
C SER A 741 -1.21 -32.54 5.63
N ASP A 742 -1.56 -33.64 4.99
CA ASP A 742 -2.64 -33.64 4.01
C ASP A 742 -3.99 -33.54 4.72
C1 GOL B . 5.99 6.45 -19.06
O1 GOL B . 6.71 6.20 -20.23
C2 GOL B . 4.58 5.83 -19.24
O2 GOL B . 3.61 6.49 -18.49
C3 GOL B . 4.31 5.92 -20.73
O3 GOL B . 4.35 7.28 -21.02
C1 GOL C . 2.12 1.11 -0.43
O1 GOL C . 2.26 0.25 -1.52
C2 GOL C . 2.84 0.43 0.77
O2 GOL C . 2.24 -0.78 1.10
C3 GOL C . 4.30 0.23 0.28
O3 GOL C . 5.11 0.63 1.34
C10 BKO D . 3.83 6.90 -2.79
C13 BKO D . 7.64 4.19 1.57
C15 BKO D . 4.66 7.83 -3.67
C20 BKO D . 2.38 10.50 -2.88
C21 BKO D . 1.00 10.55 -2.89
C22 BKO D . 3.12 11.45 -2.20
C24 BKO D . 0.34 11.55 -2.20
C26 BKO D . -0.81 10.05 -4.63
C28 BKO D . -1.17 9.04 -5.71
C01 BKO D . 5.07 4.97 0.41
C03 BKO D . 5.91 3.90 -0.26
C04 BKO D . 4.15 4.35 1.45
C05 BKO D . 2.82 5.40 -0.27
C06 BKO D . 4.77 6.28 -1.77
C09 BKO D . 2.90 5.15 1.23
C12 BKO D . 8.07 2.58 -0.16
C16 BKO D . 9.14 2.15 0.84
C18 BKO D . 4.35 9.24 -3.25
C23 BKO D . 0.23 9.48 -3.67
C25 BKO D . 2.46 12.46 -1.51
C27 BKO D . 1.07 12.50 -1.51
C29 BKO D . -2.27 9.26 -6.54
C30 BKO D . -0.42 7.88 -5.87
C31 BKO D . -2.60 8.33 -7.52
C32 BKO D . -0.74 6.96 -6.85
C33 BKO D . -1.83 7.18 -7.68
N02 BKO D . 4.25 5.60 -0.62
N07 BKO D . 7.16 3.57 0.35
O08 BKO D . 5.59 3.35 -1.26
O11 BKO D . 5.95 6.37 -1.90
O14 BKO D . 3.02 6.38 1.91
O19 BKO D . 3.01 9.48 -3.60
S17 BKO D . 8.67 2.95 2.38
#